data_8UXY
#
_entry.id   8UXY
#
_cell.length_a   1.00
_cell.length_b   1.00
_cell.length_c   1.00
_cell.angle_alpha   90.00
_cell.angle_beta   90.00
_cell.angle_gamma   90.00
#
_symmetry.space_group_name_H-M   'P 1'
#
loop_
_entity.id
_entity.type
_entity.pdbx_description
1 polymer 'Guanine nucleotide-binding protein G(I)/G(S)/G(O) subunit gamma-2'
2 polymer 'Guanine nucleotide-binding protein G(I)/G(S)/G(T) subunit beta-1'
3 polymer 'GNAS complex locus'
4 polymer 'Nanobody 35'
5 polymer consOR1
6 non-polymer (1R,2S,5R)-5-methyl-2-(propan-2-yl)cyclohexan-1-ol
#
loop_
_entity_poly.entity_id
_entity_poly.type
_entity_poly.pdbx_seq_one_letter_code
_entity_poly.pdbx_strand_id
1 'polypeptide(L)' MASNNTASIAQARKLVEQLKMEANIDRIKVSKAAADLMAYCEAHAKEDPLLTPVPASENPFREKKFFCAIL Z
2 'polypeptide(L)'
;MHHHHHHLEVLFQGPEDQVDPRLIDGKGSSGSELDQLRQEAEQLKNQIRDARKACADATLSQITNNIDPVGRIQMRTRRT
LRGHLAKIYAMHWGTDSRLLVSASQDGKLIIWDSYTTNKVHAIPLRSSWVMTCAYAPSGNYVACGGLDNICSIYNLKTRE
GNVRVSRELAGHTGYLSCCRFLDDNQIVTSSGDTTCALWDIETGQQTTTFTGHTGDVMSLSLAPDTRLFVSGACDASAKL
WDVREGMCRQTFTGHESDINAICFFPNGNAFATGSDDATCRLFDLRADQELMTYSHDNIICGITSVSFSKSGRLLLAGYD
DFNCNVWDALKADRAGVLAGHDNRVSCLGVTDDGMAVATGSWDSFLKIWN
;
Y
3 'polypeptide(L)'
;GGSLEVLFQGPSGNSKTEDQRNEEKAQREANKKIEKQLQKDKQVYRATHRLLLLGADNSGKSTIVKQMRILHGGSGGSGG
TSGIFETKFQVDKVNFHMFDVGGQRDERRKWIQCFNDVTAIIFVVDSSDYNRLQEALNLFKSIWNNRWLRTISVILFLNK
QDLLAEKVLAGKSKIEDYFPEFARYTTPEDATPEPGEDPRVTRAKYFIRDEFLRISTASGDGRHYCYPHFTCAVDTENAR
RIFNDCRDIIQRMHLRQYELL
;
X
4 'polypeptide(L)'
;QVQLQESGGGLVQPGGSLRLSCAASGFTFSNYKMNWVRQAPGKGLEWVSDISQSGASISYTGSVKGRFTISRDNAKNTLY
LQMNSLKPEDTAVYYCARCPAPFTRDCFDVTSTTYAYRGQGTQVTVSSLEVLFQGPGHHHHHHHH
;
N
5 'polypeptide(L)'
;DYKDDDDASIDMEGENQSSVSEFLLLGLSSQPEQQNLLFALFLSMYLVTVLGNLLIILAISSDSHLHTPMYFFLSNLSFT
DICFSSVTVPKMLVNIQTQSKSISYAGCLTQMYFFIAFGNLDSFLLAVMAYDRYVAICHPLHYTTIMSPRLCVLLVALSW
VLSNLHALLHTLLMARLSFCASNEIPHFFCDLSPLLKLSCSDTHVNELVIFTEGLLVIVTPFLCILVSYVRIVSTVLKIP
SAKGKWKAFSTCGSHLTVVSLFYGTIIGVYFQPLSTYSVKDTVATVMYTVVTPMLNPFIYSLRNKDMKGALRKLLSRRKS
S
;
A
#
# COMPACT_ATOMS: atom_id res chain seq x y z
N ALA A 7 -34.11 -22.79 19.96
CA ALA A 7 -32.86 -22.33 19.36
C ALA A 7 -32.28 -21.17 20.15
N SER A 8 -32.99 -20.04 20.14
CA SER A 8 -32.54 -18.86 20.88
C SER A 8 -32.68 -19.01 22.39
N ILE A 9 -33.40 -20.02 22.86
CA ILE A 9 -33.51 -20.25 24.30
C ILE A 9 -32.16 -20.68 24.87
N ALA A 10 -31.37 -21.42 24.09
CA ALA A 10 -30.08 -21.90 24.58
C ALA A 10 -29.14 -20.75 24.91
N GLN A 11 -29.06 -19.75 24.02
CA GLN A 11 -28.26 -18.57 24.33
C GLN A 11 -28.98 -17.66 25.32
N ALA A 12 -30.31 -17.58 25.21
CA ALA A 12 -31.07 -16.72 26.12
C ALA A 12 -30.96 -17.19 27.56
N ARG A 13 -31.11 -18.50 27.79
CA ARG A 13 -30.95 -19.04 29.14
C ARG A 13 -29.54 -18.82 29.65
N LYS A 14 -28.54 -18.99 28.77
CA LYS A 14 -27.18 -18.65 29.14
C LYS A 14 -27.02 -17.15 29.34
N LEU A 15 -27.68 -16.35 28.49
CA LEU A 15 -27.56 -14.90 28.60
C LEU A 15 -28.14 -14.40 29.92
N VAL A 16 -29.38 -14.81 30.25
CA VAL A 16 -29.98 -14.38 31.51
C VAL A 16 -29.20 -14.97 32.69
N GLU A 17 -28.78 -16.23 32.58
CA GLU A 17 -27.92 -16.81 33.61
C GLU A 17 -26.60 -16.07 33.68
N GLN A 18 -26.04 -15.70 32.53
CA GLN A 18 -24.84 -14.87 32.53
C GLN A 18 -25.11 -13.54 33.22
N LEU A 19 -26.22 -12.89 32.87
CA LEU A 19 -26.57 -11.65 33.54
C LEU A 19 -26.95 -11.89 34.99
N LYS A 20 -27.51 -13.06 35.29
CA LYS A 20 -27.82 -13.40 36.68
C LYS A 20 -26.55 -13.40 37.52
N MET A 21 -25.48 -14.02 37.02
CA MET A 21 -24.21 -13.99 37.73
C MET A 21 -23.47 -12.69 37.52
N GLU A 22 -23.62 -12.07 36.34
CA GLU A 22 -22.89 -10.84 36.04
C GLU A 22 -23.50 -9.63 36.74
N ALA A 23 -24.84 -9.62 36.89
CA ALA A 23 -25.47 -8.54 37.63
C ALA A 23 -25.20 -8.67 39.12
N ASN A 24 -25.22 -9.90 39.64
CA ASN A 24 -24.97 -10.15 41.06
C ASN A 24 -23.47 -10.29 41.31
N ILE A 25 -22.76 -9.17 41.15
CA ILE A 25 -21.34 -9.08 41.44
C ILE A 25 -21.09 -7.86 42.30
N ASP A 26 -19.95 -7.86 42.98
CA ASP A 26 -19.56 -6.75 43.84
C ASP A 26 -18.86 -5.68 43.00
N ARG A 27 -19.61 -4.66 42.61
CA ARG A 27 -19.08 -3.55 41.83
C ARG A 27 -18.74 -2.41 42.78
N ILE A 28 -17.51 -1.92 42.69
CA ILE A 28 -17.00 -0.92 43.62
C ILE A 28 -17.31 0.47 43.07
N LYS A 29 -17.26 1.45 43.98
CA LYS A 29 -17.42 2.85 43.59
C LYS A 29 -16.33 3.25 42.61
N VAL A 30 -16.75 3.95 41.54
CA VAL A 30 -15.80 4.29 40.48
C VAL A 30 -14.66 5.15 41.01
N SER A 31 -14.93 5.96 42.04
CA SER A 31 -13.86 6.73 42.65
C SER A 31 -12.77 5.81 43.22
N LYS A 32 -13.19 4.72 43.86
CA LYS A 32 -12.22 3.74 44.36
C LYS A 32 -11.45 3.11 43.22
N ALA A 33 -12.14 2.76 42.12
CA ALA A 33 -11.47 2.18 40.97
C ALA A 33 -10.48 3.16 40.35
N ALA A 34 -10.89 4.42 40.23
CA ALA A 34 -9.99 5.43 39.69
C ALA A 34 -8.79 5.65 40.61
N ALA A 35 -9.04 5.69 41.92
CA ALA A 35 -7.95 5.86 42.87
C ALA A 35 -6.98 4.68 42.81
N ASP A 36 -7.50 3.46 42.71
CA ASP A 36 -6.64 2.29 42.60
C ASP A 36 -5.82 2.34 41.31
N LEU A 37 -6.46 2.70 40.19
CA LEU A 37 -5.73 2.79 38.93
C LEU A 37 -4.70 3.90 38.96
N MET A 38 -5.05 5.05 39.55
CA MET A 38 -4.13 6.18 39.60
C MET A 38 -2.91 5.87 40.47
N ALA A 39 -3.12 5.17 41.57
CA ALA A 39 -2.03 4.91 42.51
C ALA A 39 -0.93 4.07 41.88
N TYR A 40 -1.31 3.10 41.05
CA TYR A 40 -0.32 2.18 40.48
C TYR A 40 0.68 2.92 39.60
N CYS A 41 0.21 3.85 38.77
CA CYS A 41 1.09 4.52 37.82
C CYS A 41 2.16 5.33 38.54
N GLU A 42 1.79 6.00 39.63
CA GLU A 42 2.76 6.82 40.35
C GLU A 42 3.89 5.98 40.93
N ALA A 43 3.55 4.80 41.47
CA ALA A 43 4.56 3.97 42.12
C ALA A 43 5.60 3.47 41.12
N HIS A 44 5.17 3.07 39.93
CA HIS A 44 6.05 2.49 38.92
C HIS A 44 6.53 3.51 37.89
N ALA A 45 6.28 4.80 38.12
CA ALA A 45 6.67 5.81 37.13
C ALA A 45 8.18 5.86 36.94
N LYS A 46 8.96 5.57 37.99
CA LYS A 46 10.40 5.74 37.92
C LYS A 46 11.10 4.57 37.23
N GLU A 47 10.38 3.52 36.87
CA GLU A 47 10.96 2.37 36.17
C GLU A 47 10.54 2.33 34.70
N ASP A 48 10.15 3.48 34.14
CA ASP A 48 9.66 3.57 32.77
C ASP A 48 10.63 4.41 31.96
N PRO A 49 11.50 3.80 31.15
CA PRO A 49 12.42 4.61 30.33
C PRO A 49 11.72 5.55 29.37
N LEU A 50 10.55 5.17 28.85
CA LEU A 50 9.89 6.01 27.84
C LEU A 50 9.38 7.30 28.45
N LEU A 51 8.85 7.26 29.67
CA LEU A 51 8.32 8.47 30.30
C LEU A 51 9.43 9.49 30.55
N THR A 52 10.50 9.07 31.24
CA THR A 52 11.62 9.94 31.55
C THR A 52 12.77 9.63 30.60
N PRO A 53 13.20 10.54 29.72
CA PRO A 53 14.32 10.22 28.84
C PRO A 53 15.58 9.92 29.64
N VAL A 54 16.35 8.94 29.17
CA VAL A 54 17.49 8.41 29.90
C VAL A 54 18.75 8.78 29.12
N PRO A 55 19.90 9.01 29.77
CA PRO A 55 21.10 9.38 29.01
C PRO A 55 21.58 8.24 28.13
N ALA A 56 22.35 8.61 27.10
CA ALA A 56 22.86 7.61 26.16
C ALA A 56 23.97 6.75 26.77
N SER A 57 24.44 7.08 27.96
CA SER A 57 25.54 6.32 28.56
C SER A 57 25.13 4.87 28.81
N GLU A 58 23.90 4.65 29.31
CA GLU A 58 23.44 3.32 29.70
C GLU A 58 22.42 2.74 28.71
N ASN A 59 22.09 3.43 27.64
CA ASN A 59 21.18 2.89 26.65
C ASN A 59 21.85 1.78 25.86
N PRO A 60 21.20 0.63 25.62
CA PRO A 60 21.74 -0.33 24.66
C PRO A 60 21.49 0.04 23.20
N PHE A 61 20.80 1.16 22.95
CA PHE A 61 20.42 1.55 21.60
C PHE A 61 21.13 2.85 21.23
N ARG A 62 22.41 2.95 21.58
CA ARG A 62 23.22 4.13 21.28
C ARG A 62 23.26 4.40 19.78
N GLU B 33 -42.69 -18.69 23.87
CA GLU B 33 -42.98 -17.45 23.17
C GLU B 33 -41.75 -16.56 23.15
N LEU B 34 -41.44 -16.01 21.98
CA LEU B 34 -40.26 -15.14 21.84
C LEU B 34 -40.52 -13.75 22.41
N ASP B 35 -41.75 -13.26 22.31
CA ASP B 35 -42.04 -11.90 22.76
C ASP B 35 -41.81 -11.74 24.26
N GLN B 36 -42.27 -12.71 25.06
CA GLN B 36 -42.09 -12.61 26.51
C GLN B 36 -40.60 -12.67 26.87
N LEU B 37 -39.83 -13.50 26.17
CA LEU B 37 -38.39 -13.53 26.40
C LEU B 37 -37.76 -12.18 26.06
N ARG B 38 -38.19 -11.57 24.96
CA ARG B 38 -37.72 -10.23 24.62
C ARG B 38 -38.16 -9.23 25.69
N GLN B 39 -39.40 -9.33 26.16
CA GLN B 39 -39.86 -8.45 27.24
C GLN B 39 -39.08 -8.72 28.52
N GLU B 40 -38.83 -9.99 28.84
CA GLU B 40 -38.00 -10.31 29.99
C GLU B 40 -36.57 -9.83 29.77
N ALA B 41 -36.05 -9.97 28.56
CA ALA B 41 -34.67 -9.58 28.29
C ALA B 41 -34.48 -8.08 28.44
N GLU B 42 -35.32 -7.28 27.81
CA GLU B 42 -35.17 -5.83 27.89
C GLU B 42 -35.38 -5.33 29.31
N GLN B 43 -36.22 -6.01 30.09
CA GLN B 43 -36.38 -5.63 31.50
C GLN B 43 -35.06 -5.80 32.25
N LEU B 44 -34.34 -6.90 31.99
CA LEU B 44 -33.04 -7.10 32.63
C LEU B 44 -32.05 -6.04 32.19
N LYS B 45 -32.07 -5.66 30.91
CA LYS B 45 -31.17 -4.62 30.43
C LYS B 45 -31.45 -3.29 31.12
N ASN B 46 -32.73 -2.96 31.30
CA ASN B 46 -33.09 -1.72 31.99
C ASN B 46 -32.60 -1.74 33.43
N GLN B 47 -32.72 -2.89 34.10
CA GLN B 47 -32.27 -2.98 35.48
C GLN B 47 -30.77 -2.75 35.60
N ILE B 48 -29.98 -3.34 34.70
CA ILE B 48 -28.53 -3.20 34.77
C ILE B 48 -28.13 -1.77 34.45
N ARG B 49 -28.84 -1.12 33.53
CA ARG B 49 -28.53 0.27 33.20
C ARG B 49 -28.70 1.17 34.42
N ASP B 50 -29.77 0.94 35.20
CA ASP B 50 -29.93 1.68 36.45
C ASP B 50 -28.80 1.35 37.42
N ALA B 51 -28.42 0.07 37.50
CA ALA B 51 -27.32 -0.32 38.39
C ALA B 51 -26.01 0.33 37.95
N ARG B 52 -25.72 0.32 36.65
CA ARG B 52 -24.52 1.00 36.17
C ARG B 52 -24.61 2.49 36.38
N LYS B 53 -25.78 3.08 36.14
CA LYS B 53 -25.96 4.51 36.39
C LYS B 53 -25.82 4.82 37.87
N ALA B 54 -26.28 3.93 38.73
CA ALA B 54 -26.15 4.15 40.17
C ALA B 54 -24.69 4.24 40.59
N CYS B 55 -23.84 3.37 40.04
CA CYS B 55 -22.41 3.42 40.32
C CYS B 55 -21.68 4.47 39.50
N ALA B 56 -22.30 5.02 38.45
CA ALA B 56 -21.66 6.03 37.61
C ALA B 56 -21.87 7.42 38.24
N ASP B 57 -21.31 7.57 39.43
CA ASP B 57 -21.44 8.82 40.18
C ASP B 57 -20.40 9.86 39.79
N ALA B 58 -19.21 9.44 39.35
CA ALA B 58 -18.12 10.36 39.05
C ALA B 58 -17.47 9.93 37.74
N THR B 59 -16.39 10.62 37.37
CA THR B 59 -15.67 10.34 36.13
C THR B 59 -14.19 10.34 36.40
N LEU B 60 -13.46 9.54 35.62
CA LEU B 60 -12.01 9.43 35.82
C LEU B 60 -11.31 10.76 35.55
N SER B 61 -11.75 11.50 34.52
CA SER B 61 -11.10 12.76 34.19
C SER B 61 -11.19 13.75 35.33
N GLN B 62 -12.33 13.80 36.01
CA GLN B 62 -12.51 14.76 37.10
C GLN B 62 -11.52 14.49 38.22
N ILE B 63 -11.32 13.22 38.58
CA ILE B 63 -10.43 12.89 39.69
C ILE B 63 -8.99 13.18 39.32
N THR B 64 -8.59 12.86 38.10
CA THR B 64 -7.20 12.97 37.66
C THR B 64 -6.86 14.35 37.11
N ASN B 65 -7.59 15.39 37.51
CA ASN B 65 -7.32 16.73 37.01
C ASN B 65 -6.18 17.42 37.76
N ASN B 66 -5.80 16.91 38.93
CA ASN B 66 -4.82 17.58 39.77
C ASN B 66 -3.40 17.06 39.60
N ILE B 67 -3.18 16.07 38.73
CA ILE B 67 -1.84 15.52 38.52
C ILE B 67 -1.11 16.35 37.47
N ASP B 68 0.21 16.34 37.55
CA ASP B 68 1.02 17.15 36.65
C ASP B 68 1.00 16.54 35.25
N PRO B 69 1.21 17.32 34.19
CA PRO B 69 1.26 16.74 32.85
C PRO B 69 2.63 16.14 32.55
N VAL B 70 2.65 15.13 31.69
CA VAL B 70 3.90 14.47 31.31
C VAL B 70 4.78 15.34 30.45
N GLY B 71 4.22 16.35 29.77
CA GLY B 71 4.99 17.20 28.89
C GLY B 71 5.06 16.65 27.48
N ARG B 72 6.09 17.09 26.75
CA ARG B 72 6.30 16.67 25.36
C ARG B 72 7.31 15.53 25.36
N ILE B 73 6.97 14.46 24.65
CA ILE B 73 7.84 13.29 24.51
C ILE B 73 8.20 13.18 23.03
N GLN B 74 9.51 13.16 22.75
CA GLN B 74 10.01 13.01 21.39
C GLN B 74 10.76 11.69 21.29
N MET B 75 10.61 11.01 20.16
CA MET B 75 11.24 9.71 19.91
C MET B 75 11.85 9.69 18.52
N ARG B 76 13.02 9.08 18.40
CA ARG B 76 13.78 9.02 17.16
C ARG B 76 14.03 7.57 16.78
N THR B 77 14.09 7.32 15.47
CA THR B 77 14.34 5.98 14.94
C THR B 77 15.83 5.66 15.12
N ARG B 78 16.10 4.62 15.91
CA ARG B 78 17.49 4.24 16.18
C ARG B 78 17.98 3.21 15.17
N ARG B 79 17.13 2.26 14.81
CA ARG B 79 17.51 1.17 13.92
C ARG B 79 16.41 0.94 12.90
N THR B 80 16.80 0.62 11.67
CA THR B 80 15.87 0.32 10.57
C THR B 80 16.20 -1.05 10.01
N LEU B 81 15.17 -1.87 9.83
CA LEU B 81 15.32 -3.26 9.42
C LEU B 81 14.66 -3.45 8.07
N ARG B 82 15.37 -4.10 7.14
CA ARG B 82 14.85 -4.36 5.80
C ARG B 82 15.42 -5.68 5.29
N GLY B 83 14.76 -6.24 4.28
CA GLY B 83 14.80 -7.40 3.40
C GLY B 83 13.45 -7.96 3.03
N HIS B 84 12.39 -7.54 3.72
CA HIS B 84 11.05 -8.03 3.42
C HIS B 84 10.61 -7.55 2.05
N LEU B 85 9.92 -8.42 1.31
CA LEU B 85 9.47 -8.11 -0.04
C LEU B 85 8.07 -7.50 -0.08
N ALA B 86 7.16 -7.99 0.75
CA ALA B 86 5.75 -7.60 0.73
C ALA B 86 5.35 -6.99 2.07
N LYS B 87 4.05 -6.72 2.20
CA LYS B 87 3.56 -6.00 3.37
C LYS B 87 3.60 -6.88 4.61
N ILE B 88 3.33 -6.26 5.76
CA ILE B 88 3.46 -6.89 7.08
C ILE B 88 2.18 -6.68 7.86
N TYR B 89 1.75 -7.71 8.60
CA TYR B 89 0.72 -7.55 9.63
C TYR B 89 1.19 -7.89 11.03
N ALA B 90 2.12 -8.82 11.20
CA ALA B 90 2.38 -9.42 12.50
C ALA B 90 3.79 -9.10 12.97
N MET B 91 3.94 -9.04 14.29
CA MET B 91 5.23 -8.78 14.93
C MET B 91 5.09 -9.04 16.43
N HIS B 92 6.13 -9.59 17.05
CA HIS B 92 6.08 -9.87 18.48
C HIS B 92 7.49 -9.91 19.05
N TRP B 93 7.68 -9.21 20.16
CA TRP B 93 8.96 -9.21 20.85
C TRP B 93 9.10 -10.42 21.75
N GLY B 94 10.27 -11.06 21.68
CA GLY B 94 10.55 -12.17 22.57
C GLY B 94 10.81 -11.69 23.99
N THR B 95 10.75 -12.63 24.93
CA THR B 95 10.99 -12.29 26.32
C THR B 95 12.43 -11.85 26.57
N ASP B 96 13.38 -12.30 25.74
CA ASP B 96 14.78 -11.94 25.89
C ASP B 96 15.04 -10.47 25.61
N SER B 97 14.08 -9.77 25.01
CA SER B 97 13.91 -8.40 24.50
C SER B 97 14.94 -8.05 23.43
N ARG B 98 15.48 -9.06 22.74
CA ARG B 98 16.45 -8.87 21.66
C ARG B 98 15.94 -9.40 20.32
N LEU B 99 15.49 -10.65 20.28
CA LEU B 99 15.00 -11.25 19.05
C LEU B 99 13.52 -10.97 18.87
N LEU B 100 13.09 -10.88 17.61
CA LEU B 100 11.69 -10.67 17.28
C LEU B 100 11.41 -11.28 15.91
N VAL B 101 10.18 -11.73 15.70
CA VAL B 101 9.77 -12.41 14.49
C VAL B 101 8.67 -11.60 13.80
N SER B 102 8.79 -11.44 12.48
CA SER B 102 7.85 -10.68 11.69
C SER B 102 7.41 -11.49 10.49
N ALA B 103 6.13 -11.41 10.15
CA ALA B 103 5.51 -12.20 9.08
C ALA B 103 5.06 -11.28 7.97
N SER B 104 5.23 -11.71 6.73
CA SER B 104 4.87 -10.95 5.55
C SER B 104 4.14 -11.82 4.53
N GLN B 105 3.44 -11.17 3.61
CA GLN B 105 2.59 -11.86 2.64
C GLN B 105 3.36 -12.58 1.54
N ASP B 106 4.67 -12.38 1.45
CA ASP B 106 5.45 -13.11 0.45
C ASP B 106 5.77 -14.54 0.89
N GLY B 107 5.39 -14.93 2.10
CA GLY B 107 5.61 -16.29 2.56
C GLY B 107 6.99 -16.45 3.17
N LYS B 108 7.30 -15.68 4.20
CA LYS B 108 8.62 -15.70 4.80
C LYS B 108 8.52 -15.23 6.24
N LEU B 109 9.04 -16.04 7.17
CA LEU B 109 9.14 -15.68 8.58
C LEU B 109 10.61 -15.44 8.89
N ILE B 110 10.94 -14.21 9.28
CA ILE B 110 12.33 -13.80 9.53
C ILE B 110 12.45 -13.45 11.01
N ILE B 111 13.52 -13.95 11.64
CA ILE B 111 13.87 -13.59 13.01
C ILE B 111 15.09 -12.69 12.96
N TRP B 112 14.97 -11.50 13.52
CA TRP B 112 16.01 -10.49 13.46
C TRP B 112 16.92 -10.58 14.68
N ASP B 113 17.90 -9.68 14.72
CA ASP B 113 18.71 -9.41 15.91
C ASP B 113 18.80 -7.89 16.01
N SER B 114 18.01 -7.32 16.92
CA SER B 114 17.84 -5.86 16.94
C SER B 114 19.14 -5.13 17.24
N TYR B 115 19.98 -5.69 18.12
CA TYR B 115 21.19 -4.98 18.52
C TYR B 115 22.16 -4.82 17.36
N THR B 116 22.31 -5.85 16.53
CA THR B 116 23.34 -5.87 15.50
C THR B 116 22.79 -6.01 14.08
N THR B 117 21.47 -5.94 13.90
CA THR B 117 20.60 -5.97 12.72
C THR B 117 20.88 -7.18 11.83
N ASN B 118 21.00 -8.35 12.44
CA ASN B 118 21.40 -9.57 11.74
C ASN B 118 20.22 -10.52 11.60
N LYS B 119 19.98 -11.00 10.38
CA LYS B 119 18.96 -12.01 10.11
C LYS B 119 19.48 -13.36 10.60
N VAL B 120 18.90 -13.86 11.68
CA VAL B 120 19.33 -15.16 12.22
C VAL B 120 18.69 -16.30 11.42
N HIS B 121 17.40 -16.19 11.14
CA HIS B 121 16.64 -17.24 10.47
C HIS B 121 15.69 -16.63 9.45
N ALA B 122 15.33 -17.43 8.45
CA ALA B 122 14.35 -17.04 7.43
C ALA B 122 13.63 -18.32 7.00
N ILE B 123 12.40 -18.49 7.47
CA ILE B 123 11.65 -19.73 7.30
C ILE B 123 10.73 -19.57 6.10
N PRO B 124 10.70 -20.51 5.14
CA PRO B 124 9.75 -20.40 4.04
C PRO B 124 8.42 -21.07 4.39
N LEU B 125 7.32 -20.40 4.09
CA LEU B 125 6.00 -20.91 4.41
C LEU B 125 5.37 -21.61 3.21
N ARG B 126 4.46 -22.54 3.49
CA ARG B 126 3.76 -23.24 2.41
C ARG B 126 2.73 -22.33 1.74
N SER B 127 1.96 -21.59 2.53
CA SER B 127 0.91 -20.72 2.02
C SER B 127 1.31 -19.26 2.24
N SER B 128 1.27 -18.47 1.17
CA SER B 128 1.78 -17.11 1.23
C SER B 128 0.90 -16.18 2.05
N TRP B 129 -0.36 -16.54 2.29
CA TRP B 129 -1.31 -15.66 2.98
C TRP B 129 -1.20 -15.93 4.48
N VAL B 130 -0.52 -15.03 5.18
CA VAL B 130 -0.28 -15.15 6.62
C VAL B 130 -0.74 -13.85 7.28
N MET B 131 -1.44 -13.97 8.41
CA MET B 131 -2.08 -12.83 9.06
C MET B 131 -1.70 -12.68 10.53
N THR B 132 -0.81 -13.51 11.06
CA THR B 132 -0.47 -13.42 12.47
C THR B 132 0.86 -14.12 12.73
N CYS B 133 1.45 -13.82 13.89
CA CYS B 133 2.67 -14.47 14.33
C CYS B 133 2.75 -14.37 15.85
N ALA B 134 3.63 -15.18 16.43
CA ALA B 134 3.80 -15.22 17.88
C ALA B 134 5.18 -15.75 18.22
N TYR B 135 5.60 -15.52 19.47
CA TYR B 135 6.90 -15.95 19.97
C TYR B 135 6.69 -16.63 21.31
N ALA B 136 7.21 -17.84 21.45
CA ALA B 136 6.94 -18.63 22.65
C ALA B 136 7.63 -18.02 23.87
N PRO B 137 7.10 -18.24 25.08
CA PRO B 137 7.78 -17.70 26.27
C PRO B 137 9.19 -18.23 26.45
N SER B 138 9.41 -19.51 26.15
CA SER B 138 10.73 -20.11 26.37
C SER B 138 11.69 -19.84 25.22
N GLY B 139 11.23 -19.23 24.13
CA GLY B 139 12.08 -18.91 23.01
C GLY B 139 12.34 -20.06 22.06
N ASN B 140 11.75 -21.23 22.30
CA ASN B 140 12.02 -22.41 21.48
C ASN B 140 11.06 -22.57 20.31
N TYR B 141 9.94 -21.84 20.30
CA TYR B 141 8.89 -22.05 19.30
C TYR B 141 8.36 -20.73 18.78
N VAL B 142 7.88 -20.77 17.53
CA VAL B 142 7.13 -19.68 16.92
C VAL B 142 5.94 -20.28 16.20
N ALA B 143 4.93 -19.45 15.93
CA ALA B 143 3.69 -19.92 15.33
C ALA B 143 3.16 -18.88 14.36
N CYS B 144 2.37 -19.35 13.40
CA CYS B 144 1.71 -18.47 12.43
C CYS B 144 0.61 -19.24 11.73
N GLY B 145 -0.21 -18.52 10.97
CA GLY B 145 -1.37 -18.81 10.14
C GLY B 145 -1.86 -17.55 9.48
N GLY B 146 -2.93 -17.69 8.71
CA GLY B 146 -3.81 -16.92 7.84
C GLY B 146 -4.95 -17.67 7.20
N LEU B 147 -5.19 -17.40 5.91
CA LEU B 147 -6.35 -17.92 5.20
C LEU B 147 -6.34 -19.43 5.05
N ASP B 148 -5.21 -20.09 5.24
CA ASP B 148 -5.14 -21.53 5.04
C ASP B 148 -5.98 -22.31 6.04
N ASN B 149 -6.39 -21.69 7.14
CA ASN B 149 -7.15 -22.05 8.35
C ASN B 149 -6.42 -23.07 9.22
N ILE B 150 -5.09 -23.08 9.16
CA ILE B 150 -4.26 -24.04 9.89
C ILE B 150 -3.23 -23.26 10.70
N CYS B 151 -3.04 -23.66 11.95
CA CYS B 151 -2.03 -23.07 12.82
C CYS B 151 -0.78 -23.95 12.76
N SER B 152 0.33 -23.38 12.31
CA SER B 152 1.59 -24.11 12.16
C SER B 152 2.53 -23.70 13.28
N ILE B 153 3.23 -24.68 13.84
CA ILE B 153 4.20 -24.45 14.92
C ILE B 153 5.57 -24.89 14.41
N TYR B 154 6.56 -24.01 14.55
CA TYR B 154 7.91 -24.25 14.06
C TYR B 154 8.88 -24.40 15.23
N ASN B 155 9.88 -25.26 15.04
CA ASN B 155 10.87 -25.56 16.07
C ASN B 155 12.20 -24.92 15.68
N LEU B 156 12.74 -24.09 16.58
CA LEU B 156 13.97 -23.37 16.34
C LEU B 156 15.20 -24.01 16.99
N LYS B 157 15.04 -25.15 17.67
CA LYS B 157 16.12 -25.82 18.37
C LYS B 157 16.18 -27.30 17.99
N THR B 158 16.01 -27.58 16.71
CA THR B 158 16.04 -28.96 16.23
C THR B 158 17.42 -29.57 16.43
N ARG B 159 17.45 -30.89 16.67
CA ARG B 159 18.73 -31.57 16.84
C ARG B 159 19.57 -31.49 15.57
N GLU B 160 18.94 -31.63 14.42
CA GLU B 160 19.67 -31.50 13.16
C GLU B 160 20.23 -30.09 13.00
N GLY B 161 19.44 -29.08 13.36
CA GLY B 161 19.85 -27.68 13.29
C GLY B 161 18.91 -26.81 12.48
N ASN B 162 18.27 -27.36 11.45
CA ASN B 162 17.34 -26.59 10.63
C ASN B 162 15.95 -26.54 11.28
N VAL B 163 15.07 -25.77 10.68
CA VAL B 163 13.72 -25.54 11.20
C VAL B 163 12.74 -26.35 10.37
N ARG B 164 11.89 -27.11 11.05
CA ARG B 164 10.90 -27.97 10.43
C ARG B 164 9.56 -27.82 11.15
N VAL B 165 8.48 -28.13 10.44
CA VAL B 165 7.14 -27.99 10.98
C VAL B 165 6.96 -29.00 12.10
N SER B 166 6.77 -28.50 13.33
CA SER B 166 6.58 -29.40 14.47
C SER B 166 5.19 -30.02 14.46
N ARG B 167 4.16 -29.23 14.18
CA ARG B 167 2.79 -29.71 14.23
C ARG B 167 1.89 -28.79 13.42
N GLU B 168 0.70 -29.30 13.09
CA GLU B 168 -0.31 -28.57 12.33
C GLU B 168 -1.65 -28.79 13.02
N LEU B 169 -2.24 -27.70 13.54
CA LEU B 169 -3.52 -27.75 14.23
C LEU B 169 -4.62 -27.32 13.26
N ALA B 170 -5.66 -28.13 13.14
CA ALA B 170 -6.80 -27.86 12.27
C ALA B 170 -8.08 -28.30 12.95
N GLY B 171 -9.20 -27.76 12.47
CA GLY B 171 -10.64 -27.79 12.66
C GLY B 171 -11.35 -26.46 12.46
N HIS B 172 -10.63 -25.34 12.48
CA HIS B 172 -11.26 -24.05 12.24
C HIS B 172 -11.83 -23.99 10.84
N THR B 173 -12.97 -23.30 10.71
CA THR B 173 -13.62 -23.13 9.41
C THR B 173 -13.21 -21.84 8.72
N GLY B 174 -12.92 -20.79 9.48
CA GLY B 174 -12.54 -19.50 8.93
C GLY B 174 -11.06 -19.20 9.12
N TYR B 175 -10.68 -18.00 8.70
CA TYR B 175 -9.30 -17.57 8.80
C TYR B 175 -8.92 -17.31 10.25
N LEU B 176 -7.61 -17.19 10.49
CA LEU B 176 -7.05 -17.00 11.82
C LEU B 176 -6.56 -15.56 11.95
N SER B 177 -6.94 -14.88 13.03
CA SER B 177 -6.59 -13.49 13.24
C SER B 177 -5.50 -13.29 14.29
N CYS B 178 -5.45 -14.13 15.32
CA CYS B 178 -4.45 -13.98 16.37
C CYS B 178 -4.30 -15.29 17.11
N CYS B 179 -3.11 -15.50 17.67
CA CYS B 179 -2.80 -16.70 18.44
C CYS B 179 -1.64 -16.40 19.37
N ARG B 180 -1.71 -16.91 20.59
CA ARG B 180 -0.73 -16.63 21.62
C ARG B 180 -0.38 -17.92 22.37
N PHE B 181 0.86 -18.01 22.83
CA PHE B 181 1.33 -19.18 23.57
C PHE B 181 1.08 -19.00 25.06
N LEU B 182 0.30 -19.91 25.66
CA LEU B 182 0.24 -19.97 27.12
C LEU B 182 1.51 -20.57 27.70
N ASP B 183 2.00 -21.65 27.10
CA ASP B 183 3.26 -22.28 27.48
C ASP B 183 3.68 -23.16 26.30
N ASP B 184 4.68 -24.02 26.53
CA ASP B 184 5.23 -24.81 25.42
C ASP B 184 4.19 -25.76 24.84
N ASN B 185 3.17 -26.15 25.61
CA ASN B 185 2.22 -27.18 25.20
C ASN B 185 0.85 -26.62 24.84
N GLN B 186 0.39 -25.57 25.51
CA GLN B 186 -0.96 -25.04 25.35
C GLN B 186 -0.92 -23.76 24.52
N ILE B 187 -1.79 -23.69 23.51
CA ILE B 187 -1.89 -22.54 22.62
C ILE B 187 -3.36 -22.21 22.44
N VAL B 188 -3.71 -20.93 22.52
CA VAL B 188 -5.08 -20.44 22.35
C VAL B 188 -5.12 -19.57 21.11
N THR B 189 -6.09 -19.82 20.24
CA THR B 189 -6.21 -19.13 18.96
C THR B 189 -7.65 -18.67 18.76
N SER B 190 -7.82 -17.53 18.09
CA SER B 190 -9.12 -17.00 17.72
C SER B 190 -9.24 -16.94 16.21
N SER B 191 -10.43 -17.27 15.69
CA SER B 191 -10.68 -17.34 14.26
C SER B 191 -11.85 -16.42 13.92
N GLY B 192 -12.12 -16.31 12.62
CA GLY B 192 -13.22 -15.51 12.10
C GLY B 192 -14.53 -16.26 11.99
N ASP B 193 -14.65 -17.43 12.59
CA ASP B 193 -15.87 -18.21 12.58
C ASP B 193 -16.78 -17.84 13.75
N THR B 194 -16.40 -16.80 14.50
CA THR B 194 -16.94 -16.13 15.68
C THR B 194 -16.76 -16.96 16.94
N THR B 195 -15.71 -17.79 16.98
CA THR B 195 -15.43 -18.65 18.12
C THR B 195 -13.93 -18.72 18.35
N CYS B 196 -13.54 -18.98 19.59
CA CYS B 196 -12.17 -19.23 19.99
C CYS B 196 -12.06 -20.63 20.56
N ALA B 197 -10.88 -21.23 20.40
CA ALA B 197 -10.66 -22.62 20.80
C ALA B 197 -9.28 -22.76 21.44
N LEU B 198 -9.22 -23.52 22.53
CA LEU B 198 -7.97 -23.82 23.21
C LEU B 198 -7.51 -25.20 22.76
N TRP B 199 -6.25 -25.30 22.37
CA TRP B 199 -5.69 -26.52 21.80
C TRP B 199 -4.65 -27.13 22.71
N ASP B 200 -4.47 -28.44 22.58
CA ASP B 200 -3.36 -29.16 23.20
C ASP B 200 -2.44 -29.64 22.08
N ILE B 201 -1.22 -29.09 22.02
CA ILE B 201 -0.35 -29.33 20.89
C ILE B 201 0.04 -30.81 20.81
N GLU B 202 0.37 -31.41 21.96
CA GLU B 202 0.80 -32.80 21.96
C GLU B 202 -0.31 -33.72 21.48
N THR B 203 -1.52 -33.56 22.03
CA THR B 203 -2.64 -34.38 21.61
C THR B 203 -3.19 -33.95 20.25
N GLY B 204 -3.25 -32.64 20.00
CA GLY B 204 -3.74 -32.14 18.74
C GLY B 204 -5.25 -32.05 18.63
N GLN B 205 -5.96 -31.91 19.76
CA GLN B 205 -7.42 -31.84 19.76
C GLN B 205 -7.87 -30.70 20.66
N GLN B 206 -9.03 -30.13 20.33
CA GLN B 206 -9.59 -29.02 21.10
C GLN B 206 -9.97 -29.47 22.50
N THR B 207 -9.21 -29.05 23.51
CA THR B 207 -9.56 -29.38 24.89
C THR B 207 -10.76 -28.56 25.36
N THR B 208 -10.91 -27.33 24.86
CA THR B 208 -12.02 -26.46 25.21
C THR B 208 -12.31 -25.53 24.05
N THR B 209 -13.57 -25.13 23.93
CA THR B 209 -14.03 -24.22 22.89
C THR B 209 -14.86 -23.10 23.50
N PHE B 210 -14.71 -21.89 22.98
CA PHE B 210 -15.38 -20.70 23.49
C PHE B 210 -16.37 -20.20 22.44
N THR B 211 -17.61 -19.97 22.88
CA THR B 211 -18.65 -19.42 22.02
C THR B 211 -19.51 -18.45 22.83
N GLY B 212 -20.22 -17.58 22.12
CA GLY B 212 -21.20 -16.52 22.27
C GLY B 212 -21.01 -15.35 21.31
N HIS B 213 -19.83 -15.20 20.74
CA HIS B 213 -19.61 -14.14 19.77
C HIS B 213 -20.43 -14.40 18.51
N THR B 214 -21.06 -13.34 18.00
CA THR B 214 -21.83 -13.41 16.77
C THR B 214 -21.10 -12.83 15.57
N GLY B 215 -20.07 -12.02 15.81
CA GLY B 215 -19.28 -11.45 14.74
C GLY B 215 -17.87 -12.00 14.70
N ASP B 216 -17.06 -11.55 13.74
CA ASP B 216 -15.70 -12.03 13.62
C ASP B 216 -14.87 -11.57 14.81
N VAL B 217 -14.00 -12.47 15.29
CA VAL B 217 -13.07 -12.16 16.36
C VAL B 217 -11.76 -11.73 15.73
N MET B 218 -11.30 -10.52 16.04
CA MET B 218 -10.17 -9.92 15.36
C MET B 218 -8.90 -9.86 16.20
N SER B 219 -9.00 -9.94 17.53
CA SER B 219 -7.80 -9.82 18.36
C SER B 219 -8.10 -10.29 19.77
N LEU B 220 -7.07 -10.82 20.42
CA LEU B 220 -7.15 -11.25 21.81
C LEU B 220 -5.86 -10.86 22.52
N SER B 221 -5.86 -11.01 23.84
CA SER B 221 -4.68 -10.71 24.65
C SER B 221 -4.75 -11.53 25.93
N LEU B 222 -3.66 -12.23 26.25
CA LEU B 222 -3.61 -13.00 27.48
C LEU B 222 -3.39 -12.08 28.69
N ALA B 223 -3.96 -12.46 29.82
CA ALA B 223 -3.77 -11.70 31.04
C ALA B 223 -2.38 -11.96 31.61
N PRO B 224 -1.85 -11.05 32.44
CA PRO B 224 -0.55 -11.32 33.06
C PRO B 224 -0.54 -12.57 33.94
N ASP B 225 -1.67 -12.87 34.59
CA ASP B 225 -1.73 -13.99 35.52
C ASP B 225 -1.93 -15.34 34.83
N THR B 226 -2.17 -15.34 33.51
CA THR B 226 -2.42 -16.41 32.54
C THR B 226 -3.62 -17.26 32.95
N ARG B 227 -4.66 -16.60 33.44
CA ARG B 227 -5.90 -17.24 33.85
C ARG B 227 -7.10 -16.82 33.03
N LEU B 228 -7.20 -15.53 32.70
CA LEU B 228 -8.29 -14.99 31.89
C LEU B 228 -7.73 -14.33 30.65
N PHE B 229 -8.60 -14.10 29.67
CA PHE B 229 -8.21 -13.40 28.45
C PHE B 229 -9.46 -12.81 27.81
N VAL B 230 -9.27 -11.72 27.07
CA VAL B 230 -10.36 -10.96 26.45
C VAL B 230 -10.17 -10.96 24.95
N SER B 231 -11.27 -10.84 24.21
CA SER B 231 -11.24 -10.82 22.75
C SER B 231 -12.33 -9.87 22.24
N GLY B 232 -11.92 -8.91 21.42
CA GLY B 232 -12.85 -7.97 20.81
C GLY B 232 -13.24 -8.45 19.41
N ALA B 233 -14.53 -8.34 19.10
CA ALA B 233 -15.10 -8.84 17.86
C ALA B 233 -15.66 -7.68 17.04
N CYS B 234 -16.24 -8.03 15.90
CA CYS B 234 -16.76 -7.07 14.93
C CYS B 234 -18.20 -6.66 15.20
N ASP B 235 -18.73 -6.90 16.41
CA ASP B 235 -20.06 -6.46 16.78
C ASP B 235 -20.03 -5.49 17.96
N ALA B 236 -19.00 -4.66 18.06
CA ALA B 236 -18.67 -3.58 18.99
C ALA B 236 -18.77 -4.04 20.44
N SER B 237 -18.25 -5.24 20.70
CA SER B 237 -18.34 -5.86 22.01
C SER B 237 -17.09 -6.68 22.28
N ALA B 238 -16.66 -6.65 23.54
CA ALA B 238 -15.51 -7.43 24.00
C ALA B 238 -15.95 -8.25 25.21
N LYS B 239 -15.61 -9.54 25.19
CA LYS B 239 -16.08 -10.50 26.18
C LYS B 239 -14.90 -10.99 27.02
N LEU B 240 -15.10 -11.10 28.32
CA LEU B 240 -14.11 -11.65 29.25
C LEU B 240 -14.45 -13.12 29.49
N TRP B 241 -13.52 -14.00 29.17
CA TRP B 241 -13.71 -15.45 29.28
C TRP B 241 -12.83 -16.00 30.39
N ASP B 242 -13.31 -17.09 31.02
CA ASP B 242 -12.54 -17.83 31.99
C ASP B 242 -11.99 -19.09 31.33
N VAL B 243 -10.66 -19.21 31.29
CA VAL B 243 -10.03 -20.33 30.60
C VAL B 243 -10.40 -21.66 31.27
N ARG B 244 -10.39 -21.68 32.60
CA ARG B 244 -10.64 -22.92 33.33
C ARG B 244 -12.08 -23.40 33.16
N GLU B 245 -13.04 -22.48 32.95
CA GLU B 245 -14.45 -22.83 32.88
C GLU B 245 -14.97 -22.86 31.44
N GLY B 246 -14.61 -21.86 30.64
CA GLY B 246 -15.09 -21.78 29.28
C GLY B 246 -16.39 -21.03 29.10
N MET B 247 -16.73 -20.12 30.00
CA MET B 247 -17.97 -19.36 29.95
C MET B 247 -17.68 -17.86 30.06
N CYS B 248 -18.42 -17.07 29.29
CA CYS B 248 -18.21 -15.62 29.27
C CYS B 248 -18.59 -15.03 30.63
N ARG B 249 -17.58 -14.53 31.35
CA ARG B 249 -17.83 -14.01 32.69
C ARG B 249 -18.55 -12.66 32.62
N GLN B 250 -18.12 -11.76 31.73
CA GLN B 250 -18.71 -10.44 31.61
C GLN B 250 -18.71 -10.02 30.15
N THR B 251 -19.56 -9.04 29.83
CA THR B 251 -19.67 -8.48 28.49
C THR B 251 -19.64 -6.96 28.58
N PHE B 252 -18.82 -6.33 27.75
CA PHE B 252 -18.67 -4.88 27.71
C PHE B 252 -19.12 -4.36 26.35
N THR B 253 -19.79 -3.22 26.35
CA THR B 253 -20.25 -2.57 25.13
C THR B 253 -19.98 -1.07 25.21
N GLY B 254 -20.21 -0.40 24.08
CA GLY B 254 -20.03 1.05 24.02
C GLY B 254 -19.48 1.57 22.70
N HIS B 255 -18.75 0.74 21.96
CA HIS B 255 -18.27 1.16 20.65
C HIS B 255 -19.40 1.20 19.63
N GLU B 256 -19.12 1.84 18.49
CA GLU B 256 -20.09 2.05 17.44
C GLU B 256 -19.82 1.23 16.19
N SER B 257 -18.64 0.62 16.08
CA SER B 257 -18.25 -0.09 14.87
C SER B 257 -17.31 -1.23 15.25
N ASP B 258 -16.60 -1.77 14.26
CA ASP B 258 -15.72 -2.91 14.48
C ASP B 258 -14.60 -2.55 15.46
N ILE B 259 -14.19 -3.55 16.24
CA ILE B 259 -13.08 -3.42 17.19
C ILE B 259 -11.88 -4.12 16.58
N ASN B 260 -10.75 -3.41 16.50
CA ASN B 260 -9.58 -3.90 15.79
C ASN B 260 -8.38 -4.19 16.70
N ALA B 261 -8.43 -3.82 17.97
CA ALA B 261 -7.30 -4.08 18.85
C ALA B 261 -7.77 -4.08 20.30
N ILE B 262 -6.94 -4.66 21.16
CA ILE B 262 -7.23 -4.75 22.59
C ILE B 262 -5.95 -5.15 23.31
N CYS B 263 -5.81 -4.69 24.56
CA CYS B 263 -4.63 -4.99 25.35
C CYS B 263 -4.90 -4.68 26.81
N PHE B 264 -4.37 -5.52 27.71
CA PHE B 264 -4.54 -5.30 29.14
C PHE B 264 -3.68 -4.16 29.64
N PHE B 265 -4.10 -3.60 30.77
CA PHE B 265 -3.24 -2.74 31.58
C PHE B 265 -2.12 -3.59 32.18
N PRO B 266 -0.97 -2.99 32.52
CA PRO B 266 0.09 -3.79 33.15
C PRO B 266 -0.33 -4.51 34.42
N ASN B 267 -1.20 -3.91 35.24
CA ASN B 267 -1.63 -4.57 36.47
C ASN B 267 -2.66 -5.67 36.23
N GLY B 268 -3.24 -5.74 35.03
CA GLY B 268 -4.17 -6.80 34.69
C GLY B 268 -5.62 -6.55 35.07
N ASN B 269 -5.94 -5.37 35.62
CA ASN B 269 -7.30 -5.06 36.06
C ASN B 269 -8.01 -4.08 35.12
N ALA B 270 -7.51 -3.90 33.90
CA ALA B 270 -8.16 -3.02 32.94
C ALA B 270 -7.60 -3.32 31.56
N PHE B 271 -8.27 -2.79 30.54
CA PHE B 271 -7.81 -2.94 29.16
C PHE B 271 -8.29 -1.75 28.35
N ALA B 272 -7.60 -1.51 27.23
CA ALA B 272 -7.91 -0.43 26.31
C ALA B 272 -8.01 -1.01 24.91
N THR B 273 -8.92 -0.47 24.11
CA THR B 273 -9.20 -0.99 22.77
C THR B 273 -9.47 0.16 21.81
N GLY B 274 -9.10 -0.03 20.55
CA GLY B 274 -9.36 0.94 19.49
C GLY B 274 -10.29 0.34 18.45
N SER B 275 -11.17 1.17 17.89
CA SER B 275 -12.22 0.73 16.98
C SER B 275 -12.12 1.53 15.69
N ASP B 276 -13.05 1.25 14.77
CA ASP B 276 -13.14 2.00 13.51
C ASP B 276 -13.93 3.29 13.66
N ASP B 277 -14.47 3.58 14.84
CA ASP B 277 -15.13 4.85 15.11
C ASP B 277 -14.14 5.99 15.28
N ALA B 278 -12.84 5.68 15.30
CA ALA B 278 -11.59 6.45 15.47
C ALA B 278 -11.44 6.96 16.90
N THR B 279 -11.88 6.16 17.87
CA THR B 279 -11.78 6.52 19.28
C THR B 279 -11.32 5.31 20.08
N CYS B 280 -10.47 5.58 21.06
CA CYS B 280 -10.02 4.56 22.02
C CYS B 280 -10.75 4.75 23.34
N ARG B 281 -11.07 3.63 23.99
CA ARG B 281 -11.85 3.64 25.22
C ARG B 281 -11.21 2.71 26.24
N LEU B 282 -11.19 3.15 27.50
CA LEU B 282 -10.61 2.40 28.59
C LEU B 282 -11.73 1.88 29.48
N PHE B 283 -11.79 0.55 29.65
CA PHE B 283 -12.77 -0.09 30.52
C PHE B 283 -12.09 -0.60 31.78
N ASP B 284 -12.90 -0.79 32.82
CA ASP B 284 -12.44 -1.34 34.09
C ASP B 284 -13.32 -2.54 34.45
N LEU B 285 -12.67 -3.67 34.75
CA LEU B 285 -13.43 -4.88 35.06
C LEU B 285 -14.26 -4.72 36.33
N ARG B 286 -13.67 -4.12 37.37
CA ARG B 286 -14.38 -4.01 38.63
C ARG B 286 -15.55 -3.04 38.53
N ALA B 287 -15.31 -1.86 37.95
CA ALA B 287 -16.37 -0.86 37.84
C ALA B 287 -17.46 -1.29 36.85
N ASP B 288 -17.14 -2.16 35.91
CA ASP B 288 -17.87 -2.84 34.84
C ASP B 288 -18.58 -1.82 33.95
N GLN B 289 -17.82 -0.85 33.45
CA GLN B 289 -18.36 0.17 32.56
C GLN B 289 -17.20 0.97 31.99
N GLU B 290 -17.49 1.71 30.92
CA GLU B 290 -16.51 2.59 30.31
C GLU B 290 -16.09 3.68 31.30
N LEU B 291 -14.80 4.00 31.31
CA LEU B 291 -14.27 5.05 32.18
C LEU B 291 -14.08 6.37 31.45
N MET B 292 -13.32 6.37 30.36
CA MET B 292 -13.08 7.58 29.59
C MET B 292 -12.66 7.19 28.19
N THR B 293 -12.75 8.15 27.27
CA THR B 293 -12.51 7.92 25.84
C THR B 293 -11.56 8.97 25.30
N TYR B 294 -10.67 8.54 24.40
CA TYR B 294 -9.70 9.42 23.74
C TYR B 294 -10.14 9.61 22.30
N SER B 295 -10.33 10.87 21.90
CA SER B 295 -10.73 11.18 20.53
C SER B 295 -10.38 12.62 20.23
N HIS B 296 -10.35 12.95 18.95
CA HIS B 296 -10.08 14.32 18.50
C HIS B 296 -10.82 14.56 17.20
N ASP B 297 -11.17 15.83 16.97
CA ASP B 297 -11.94 16.19 15.78
C ASP B 297 -11.16 15.92 14.50
N ASN B 298 -9.87 16.23 14.50
CA ASN B 298 -9.05 16.09 13.30
C ASN B 298 -8.85 14.65 12.87
N ILE B 299 -9.10 13.68 13.76
CA ILE B 299 -8.89 12.27 13.47
C ILE B 299 -10.22 11.68 13.04
N ILE B 300 -10.27 11.15 11.83
CA ILE B 300 -11.47 10.57 11.24
C ILE B 300 -11.22 9.20 10.64
N CYS B 301 -10.20 8.48 11.13
CA CYS B 301 -9.85 7.16 10.63
C CYS B 301 -9.59 6.21 11.80
N GLY B 302 -9.78 4.92 11.55
CA GLY B 302 -9.80 3.95 12.63
C GLY B 302 -8.41 3.57 13.10
N ILE B 303 -8.39 2.83 14.21
CA ILE B 303 -7.16 2.33 14.82
C ILE B 303 -6.94 0.90 14.36
N THR B 304 -5.67 0.52 14.23
CA THR B 304 -5.29 -0.84 13.83
C THR B 304 -4.54 -1.61 14.92
N SER B 305 -3.93 -0.92 15.88
CA SER B 305 -3.18 -1.61 16.93
C SER B 305 -2.93 -0.64 18.07
N VAL B 306 -2.95 -1.17 19.30
CA VAL B 306 -2.68 -0.39 20.50
C VAL B 306 -1.75 -1.19 21.39
N SER B 307 -1.08 -0.48 22.30
CA SER B 307 -0.19 -1.11 23.27
C SER B 307 0.08 -0.12 24.39
N PHE B 308 0.65 -0.63 25.48
CA PHE B 308 0.95 0.16 26.67
C PHE B 308 2.45 0.21 26.92
N SER B 309 2.85 1.16 27.74
CA SER B 309 4.23 1.25 28.20
C SER B 309 4.44 0.34 29.41
N LYS B 310 5.68 0.30 29.91
CA LYS B 310 5.98 -0.55 31.05
C LYS B 310 5.22 -0.10 32.29
N SER B 311 5.15 1.20 32.53
CA SER B 311 4.38 1.74 33.64
C SER B 311 2.90 1.93 33.32
N GLY B 312 2.52 1.83 32.05
CA GLY B 312 1.14 1.97 31.64
C GLY B 312 0.66 3.41 31.52
N ARG B 313 1.54 4.39 31.68
CA ARG B 313 1.12 5.79 31.61
C ARG B 313 0.90 6.25 30.18
N LEU B 314 1.68 5.75 29.23
CA LEU B 314 1.62 6.16 27.84
C LEU B 314 0.95 5.07 27.01
N LEU B 315 -0.05 5.45 26.23
CA LEU B 315 -0.84 4.53 25.41
C LEU B 315 -0.56 4.84 23.94
N LEU B 316 0.23 3.99 23.29
CA LEU B 316 0.60 4.18 21.89
C LEU B 316 -0.40 3.44 21.01
N ALA B 317 -0.89 4.12 19.97
CA ALA B 317 -1.88 3.55 19.05
C ALA B 317 -1.49 3.92 17.63
N GLY B 318 -1.57 2.93 16.72
CA GLY B 318 -1.30 3.20 15.32
C GLY B 318 -2.60 3.48 14.55
N TYR B 319 -2.51 4.42 13.62
CA TYR B 319 -3.67 4.91 12.89
C TYR B 319 -3.51 4.63 11.39
N ASP B 320 -4.60 4.86 10.66
CA ASP B 320 -4.64 4.69 9.21
C ASP B 320 -3.93 5.80 8.46
N ASP B 321 -3.80 6.99 9.04
CA ASP B 321 -3.33 8.17 8.33
C ASP B 321 -1.81 8.27 8.27
N PHE B 322 -1.10 7.16 8.43
CA PHE B 322 0.26 6.62 8.40
C PHE B 322 1.07 7.03 9.61
N ASN B 323 0.45 7.53 10.67
CA ASN B 323 1.16 8.01 11.85
C ASN B 323 0.65 7.30 13.10
N CYS B 324 1.46 7.36 14.15
CA CYS B 324 1.09 6.86 15.47
C CYS B 324 1.07 8.02 16.46
N ASN B 325 0.10 7.99 17.36
CA ASN B 325 -0.11 9.05 18.32
C ASN B 325 0.10 8.52 19.73
N VAL B 326 0.78 9.32 20.55
CA VAL B 326 1.14 8.92 21.91
C VAL B 326 0.17 9.62 22.85
N TRP B 327 -0.80 8.88 23.38
CA TRP B 327 -1.79 9.44 24.27
C TRP B 327 -1.38 9.28 25.72
N ASP B 328 -1.73 10.28 26.54
CA ASP B 328 -1.59 10.18 27.98
C ASP B 328 -2.81 9.47 28.54
N ALA B 329 -2.60 8.29 29.13
CA ALA B 329 -3.73 7.48 29.58
C ALA B 329 -4.52 8.12 30.71
N LEU B 330 -3.95 9.09 31.42
CA LEU B 330 -4.57 9.66 32.61
C LEU B 330 -5.08 11.08 32.41
N LYS B 331 -4.82 11.70 31.25
CA LYS B 331 -5.26 13.07 30.99
C LYS B 331 -5.96 13.27 29.65
N ALA B 332 -5.75 12.40 28.67
CA ALA B 332 -6.15 12.19 27.28
C ALA B 332 -5.54 13.22 26.34
N ASP B 333 -4.52 13.95 26.78
CA ASP B 333 -3.88 14.95 25.93
C ASP B 333 -2.79 14.30 25.08
N ARG B 334 -2.79 14.59 23.78
CA ARG B 334 -1.78 14.07 22.89
C ARG B 334 -0.41 14.61 23.31
N ALA B 335 0.56 13.73 23.51
CA ALA B 335 1.80 14.08 24.19
C ALA B 335 3.01 14.13 23.27
N GLY B 336 2.93 13.58 22.06
CA GLY B 336 3.86 13.43 20.95
C GLY B 336 3.22 12.69 19.80
N VAL B 337 4.01 12.54 18.73
CA VAL B 337 3.57 11.88 17.50
C VAL B 337 4.78 11.20 16.88
N LEU B 338 4.54 10.06 16.23
CA LEU B 338 5.57 9.28 15.55
C LEU B 338 5.14 9.15 14.09
N ALA B 339 5.79 9.92 13.21
CA ALA B 339 5.38 10.06 11.82
C ALA B 339 6.48 9.65 10.84
N GLY B 340 7.10 8.50 11.09
CA GLY B 340 8.18 8.01 10.26
C GLY B 340 7.78 7.14 9.08
N HIS B 341 6.50 6.81 8.92
CA HIS B 341 6.03 5.89 7.89
C HIS B 341 5.25 6.65 6.82
N ASP B 342 5.19 6.07 5.63
CA ASP B 342 4.40 6.59 4.52
C ASP B 342 3.33 5.61 4.03
N ASN B 343 2.99 4.61 4.84
CA ASN B 343 1.91 3.69 4.54
C ASN B 343 1.29 3.25 5.86
N ARG B 344 0.24 2.43 5.80
CA ARG B 344 -0.53 2.16 7.00
C ARG B 344 0.33 1.41 8.01
N VAL B 345 0.24 1.81 9.28
CA VAL B 345 0.89 1.09 10.36
C VAL B 345 -0.04 -0.02 10.83
N SER B 346 0.41 -1.27 10.75
CA SER B 346 -0.43 -2.42 11.04
C SER B 346 -0.10 -3.12 12.35
N CYS B 347 1.11 -2.96 12.88
CA CYS B 347 1.54 -3.64 14.09
C CYS B 347 2.32 -2.68 14.98
N LEU B 348 2.30 -2.96 16.28
CA LEU B 348 2.98 -2.11 17.26
C LEU B 348 3.12 -2.90 18.54
N GLY B 349 4.34 -3.03 19.05
CA GLY B 349 4.71 -3.82 20.22
C GLY B 349 5.71 -3.08 21.08
N VAL B 350 5.71 -3.39 22.38
CA VAL B 350 6.61 -2.79 23.35
C VAL B 350 7.34 -3.90 24.08
N THR B 351 8.63 -3.70 24.35
CA THR B 351 9.44 -4.72 25.02
C THR B 351 9.00 -4.91 26.47
N ASP B 352 9.37 -6.05 27.06
CA ASP B 352 8.98 -6.34 28.44
C ASP B 352 9.59 -5.33 29.40
N ASP B 353 10.85 -4.96 29.21
CA ASP B 353 11.52 -3.98 30.06
C ASP B 353 11.20 -2.54 29.68
N GLY B 354 10.44 -2.31 28.61
CA GLY B 354 10.07 -0.97 28.23
C GLY B 354 11.22 -0.10 27.76
N MET B 355 12.15 -0.67 27.00
CA MET B 355 13.31 0.08 26.51
C MET B 355 13.17 0.50 25.06
N ALA B 356 12.29 -0.12 24.29
CA ALA B 356 12.15 0.19 22.87
C ALA B 356 10.72 -0.09 22.42
N VAL B 357 10.37 0.48 21.28
CA VAL B 357 9.08 0.31 20.65
C VAL B 357 9.29 0.09 19.15
N ALA B 358 8.68 -0.96 18.60
CA ALA B 358 8.79 -1.29 17.19
C ALA B 358 7.44 -1.12 16.52
N THR B 359 7.44 -0.58 15.31
CA THR B 359 6.21 -0.29 14.55
C THR B 359 6.42 -0.69 13.09
N GLY B 360 6.03 -1.92 12.75
CA GLY B 360 6.05 -2.32 11.36
C GLY B 360 4.90 -1.71 10.58
N SER B 361 5.01 -1.77 9.25
CA SER B 361 4.01 -1.17 8.38
C SER B 361 3.95 -1.94 7.06
N TRP B 362 3.19 -1.40 6.12
CA TRP B 362 3.10 -1.97 4.78
C TRP B 362 4.21 -1.52 3.85
N ASP B 363 5.10 -0.65 4.32
CA ASP B 363 6.21 -0.19 3.48
C ASP B 363 7.18 -1.32 3.17
N SER B 364 7.15 -2.38 3.97
CA SER B 364 7.88 -3.62 4.25
C SER B 364 9.13 -3.38 5.08
N PHE B 365 9.29 -2.18 5.65
CA PHE B 365 10.42 -1.85 6.50
C PHE B 365 9.95 -1.68 7.94
N LEU B 366 10.56 -2.43 8.85
CA LEU B 366 10.35 -2.22 10.28
C LEU B 366 11.26 -1.10 10.77
N LYS B 367 10.87 -0.49 11.88
CA LYS B 367 11.64 0.61 12.46
C LYS B 367 11.54 0.54 13.98
N ILE B 368 12.68 0.37 14.63
CA ILE B 368 12.73 0.31 16.09
C ILE B 368 12.87 1.74 16.60
N TRP B 369 11.84 2.22 17.29
CA TRP B 369 11.82 3.58 17.84
C TRP B 369 12.33 3.58 19.27
N ASN B 370 12.74 4.75 19.72
CA ASN B 370 13.21 4.92 21.10
C ASN B 370 13.32 6.40 21.43
N ASN C 22 35.21 -14.89 16.32
CA ASN C 22 34.46 -14.94 17.56
C ASN C 22 32.96 -14.81 17.28
N GLU C 23 32.18 -14.35 18.26
CA GLU C 23 30.75 -14.19 18.06
C GLU C 23 30.44 -13.23 16.92
N GLU C 24 31.25 -12.18 16.77
CA GLU C 24 31.02 -11.21 15.70
C GLU C 24 31.17 -11.86 14.34
N LYS C 25 32.22 -12.67 14.17
CA LYS C 25 32.46 -13.29 12.88
C LYS C 25 31.36 -14.28 12.53
N ALA C 26 30.81 -14.98 13.53
CA ALA C 26 29.73 -15.92 13.28
C ALA C 26 28.49 -15.20 12.74
N GLN C 27 28.17 -14.04 13.30
CA GLN C 27 27.01 -13.28 12.84
C GLN C 27 27.16 -12.87 11.38
N ARG C 28 28.36 -12.41 11.00
CA ARG C 28 28.57 -12.01 9.61
C ARG C 28 28.38 -13.17 8.65
N GLU C 29 28.88 -14.36 9.02
CA GLU C 29 28.70 -15.53 8.17
C GLU C 29 27.24 -15.95 8.09
N ALA C 30 26.50 -15.79 9.20
CA ALA C 30 25.10 -16.18 9.20
C ALA C 30 24.31 -15.37 8.19
N ASN C 31 24.56 -14.07 8.12
CA ASN C 31 23.85 -13.22 7.17
C ASN C 31 24.15 -13.62 5.74
N LYS C 32 25.45 -13.79 5.41
CA LYS C 32 25.90 -13.78 4.01
C LYS C 32 25.16 -14.82 3.18
N LYS C 33 24.78 -15.94 3.77
CA LYS C 33 24.05 -16.96 3.02
C LYS C 33 22.61 -16.52 2.77
N ILE C 34 22.05 -15.71 3.67
CA ILE C 34 20.63 -15.39 3.59
C ILE C 34 20.34 -14.47 2.41
N GLU C 35 21.14 -13.41 2.23
CA GLU C 35 20.84 -12.47 1.15
C GLU C 35 20.96 -13.13 -0.22
N LYS C 36 21.84 -14.12 -0.35
CA LYS C 36 21.95 -14.83 -1.62
C LYS C 36 20.65 -15.54 -1.95
N GLN C 37 20.06 -16.22 -0.96
CA GLN C 37 18.78 -16.90 -1.19
C GLN C 37 17.67 -15.88 -1.42
N LEU C 38 17.65 -14.80 -0.65
CA LEU C 38 16.59 -13.80 -0.79
C LEU C 38 16.68 -13.10 -2.15
N GLN C 39 17.90 -12.91 -2.66
CA GLN C 39 18.06 -12.25 -3.96
C GLN C 39 17.40 -13.08 -5.06
N LYS C 40 17.57 -14.40 -5.03
CA LYS C 40 16.94 -15.24 -6.05
C LYS C 40 15.42 -15.22 -5.90
N ASP C 41 14.93 -15.11 -4.68
CA ASP C 41 13.48 -15.00 -4.47
C ASP C 41 12.94 -13.72 -5.11
N LYS C 42 13.69 -12.63 -5.01
CA LYS C 42 13.28 -11.39 -5.65
C LYS C 42 13.15 -11.57 -7.17
N GLN C 43 13.97 -12.44 -7.75
CA GLN C 43 13.98 -12.58 -9.20
C GLN C 43 12.74 -13.32 -9.71
N VAL C 44 12.31 -14.38 -9.02
CA VAL C 44 11.20 -15.19 -9.48
C VAL C 44 9.88 -14.54 -9.09
N TYR C 45 9.86 -13.85 -7.96
CA TYR C 45 8.63 -13.24 -7.45
C TYR C 45 8.07 -12.22 -8.43
N ARG C 46 8.92 -11.32 -8.95
CA ARG C 46 8.42 -10.27 -9.80
C ARG C 46 8.03 -10.79 -11.18
N ALA C 47 8.53 -11.96 -11.57
CA ALA C 47 8.19 -12.51 -12.89
C ALA C 47 6.71 -12.86 -12.98
N THR C 48 6.14 -13.42 -11.92
CA THR C 48 4.77 -13.92 -11.94
C THR C 48 3.78 -12.80 -11.64
N HIS C 49 2.57 -12.94 -12.19
CA HIS C 49 1.48 -12.00 -11.98
C HIS C 49 0.37 -12.70 -11.20
N ARG C 50 -0.20 -11.99 -10.24
CA ARG C 50 -1.25 -12.53 -9.38
C ARG C 50 -2.61 -12.00 -9.82
N LEU C 51 -3.59 -12.90 -9.93
CA LEU C 51 -4.95 -12.58 -10.34
C LEU C 51 -5.93 -13.16 -9.32
N LEU C 52 -7.02 -12.43 -9.07
CA LEU C 52 -8.05 -12.84 -8.12
C LEU C 52 -9.32 -13.13 -8.92
N LEU C 53 -9.95 -14.26 -8.64
CA LEU C 53 -11.13 -14.72 -9.36
C LEU C 53 -12.37 -14.54 -8.48
N LEU C 54 -13.38 -13.86 -9.01
CA LEU C 54 -14.66 -13.66 -8.34
C LEU C 54 -15.79 -14.00 -9.29
N GLY C 55 -16.94 -14.34 -8.71
CA GLY C 55 -18.24 -14.69 -9.25
C GLY C 55 -19.16 -15.16 -8.14
N ALA C 56 -20.35 -15.59 -8.57
CA ALA C 56 -21.37 -16.14 -7.68
C ALA C 56 -21.47 -17.64 -7.92
N ASP C 57 -22.38 -18.29 -7.18
CA ASP C 57 -22.54 -19.73 -7.30
C ASP C 57 -23.00 -20.14 -8.69
N ASN C 58 -23.95 -19.39 -9.26
CA ASN C 58 -24.43 -19.72 -10.60
C ASN C 58 -23.43 -19.29 -11.67
N SER C 59 -22.70 -18.20 -11.43
CA SER C 59 -21.68 -17.77 -12.38
C SER C 59 -20.66 -18.88 -12.60
N GLY C 60 -20.28 -19.07 -13.86
CA GLY C 60 -19.48 -20.23 -14.24
C GLY C 60 -17.99 -20.09 -13.99
N LYS C 61 -17.61 -19.49 -12.85
CA LYS C 61 -16.18 -19.39 -12.54
C LYS C 61 -15.56 -20.77 -12.35
N SER C 62 -16.36 -21.75 -11.92
CA SER C 62 -15.88 -23.12 -11.88
C SER C 62 -15.58 -23.65 -13.28
N THR C 63 -16.42 -23.27 -14.25
CA THR C 63 -16.18 -23.69 -15.63
C THR C 63 -15.00 -22.96 -16.24
N ILE C 64 -14.90 -21.65 -15.99
CA ILE C 64 -13.82 -20.86 -16.60
C ILE C 64 -12.47 -21.34 -16.08
N VAL C 65 -12.35 -21.58 -14.77
CA VAL C 65 -11.08 -22.03 -14.23
C VAL C 65 -10.74 -23.43 -14.76
N LYS C 66 -11.75 -24.29 -14.90
CA LYS C 66 -11.53 -25.61 -15.48
C LYS C 66 -11.18 -25.53 -16.96
N GLN C 67 -11.50 -24.42 -17.62
CA GLN C 67 -11.25 -24.31 -19.06
C GLN C 67 -9.76 -24.37 -19.38
N MET C 68 -8.94 -23.67 -18.59
CA MET C 68 -7.49 -23.60 -18.83
C MET C 68 -6.69 -24.32 -17.75
N ARG C 69 -7.33 -25.17 -16.95
CA ARG C 69 -6.61 -25.95 -15.95
C ARG C 69 -5.73 -27.00 -16.63
N GLY C 83 -10.14 -24.98 0.99
CA GLY C 83 -9.20 -23.88 0.99
C GLY C 83 -9.09 -23.21 -0.36
N ILE C 84 -8.06 -22.36 -0.52
CA ILE C 84 -7.86 -21.65 -1.78
C ILE C 84 -7.49 -22.64 -2.87
N PHE C 85 -8.06 -22.46 -4.06
CA PHE C 85 -7.78 -23.31 -5.21
C PHE C 85 -6.87 -22.55 -6.17
N GLU C 86 -5.59 -22.90 -6.19
CA GLU C 86 -4.62 -22.24 -7.05
C GLU C 86 -4.57 -22.91 -8.42
N THR C 87 -4.30 -22.12 -9.45
CA THR C 87 -4.15 -22.62 -10.81
C THR C 87 -3.11 -21.78 -11.53
N LYS C 88 -2.12 -22.45 -12.11
CA LYS C 88 -1.03 -21.79 -12.84
C LYS C 88 -1.09 -22.18 -14.31
N PHE C 89 -1.15 -21.18 -15.18
CA PHE C 89 -1.16 -21.38 -16.62
C PHE C 89 -0.12 -20.46 -17.25
N GLN C 90 0.57 -20.98 -18.26
CA GLN C 90 1.68 -20.28 -18.91
C GLN C 90 1.29 -19.96 -20.34
N VAL C 91 1.38 -18.68 -20.72
CA VAL C 91 1.13 -18.23 -22.07
C VAL C 91 2.19 -17.22 -22.46
N ASP C 92 2.80 -17.43 -23.62
CA ASP C 92 3.83 -16.70 -24.38
C ASP C 92 5.02 -16.35 -23.48
N LYS C 93 5.51 -17.35 -22.75
CA LYS C 93 6.58 -17.55 -21.77
C LYS C 93 6.49 -16.56 -20.61
N VAL C 94 5.28 -16.30 -20.12
CA VAL C 94 5.04 -15.49 -18.95
C VAL C 94 4.18 -16.29 -17.98
N ASN C 95 4.48 -16.19 -16.69
CA ASN C 95 3.82 -17.00 -15.67
C ASN C 95 2.69 -16.22 -15.03
N PHE C 96 1.51 -16.85 -14.95
CA PHE C 96 0.34 -16.29 -14.30
C PHE C 96 -0.09 -17.22 -13.18
N HIS C 97 -0.52 -16.64 -12.05
CA HIS C 97 -0.93 -17.39 -10.87
C HIS C 97 -2.25 -16.81 -10.39
N MET C 98 -3.29 -17.64 -10.38
CA MET C 98 -4.66 -17.21 -10.09
C MET C 98 -5.20 -17.98 -8.89
N PHE C 99 -5.80 -17.26 -7.95
CA PHE C 99 -6.32 -17.82 -6.70
C PHE C 99 -7.84 -17.72 -6.68
N ASP C 100 -8.49 -18.77 -6.18
CA ASP C 100 -9.94 -18.79 -5.96
C ASP C 100 -10.18 -19.15 -4.50
N VAL C 101 -10.83 -18.24 -3.77
CA VAL C 101 -11.10 -18.43 -2.34
C VAL C 101 -12.61 -18.62 -2.21
N GLY C 102 -13.00 -19.77 -1.65
CA GLY C 102 -14.40 -20.10 -1.47
C GLY C 102 -14.73 -20.76 -0.14
N GLY C 103 -13.72 -21.01 0.68
CA GLY C 103 -13.92 -21.69 1.95
C GLY C 103 -14.30 -20.80 3.10
N GLN C 104 -14.48 -19.50 2.88
CA GLN C 104 -14.80 -18.56 3.94
C GLN C 104 -16.32 -18.46 4.09
N ARG C 105 -16.76 -17.54 4.93
CA ARG C 105 -18.18 -17.32 5.18
C ARG C 105 -18.72 -16.28 4.21
N ASP C 106 -20.03 -16.02 4.31
CA ASP C 106 -20.67 -15.06 3.42
C ASP C 106 -20.17 -13.64 3.61
N GLU C 107 -19.57 -13.32 4.75
CA GLU C 107 -19.04 -11.99 5.02
C GLU C 107 -17.63 -11.86 4.46
N ARG C 108 -17.35 -10.74 3.78
CA ARG C 108 -16.06 -10.54 3.13
C ARG C 108 -15.54 -9.11 3.25
N ARG C 109 -15.97 -8.35 4.26
CA ARG C 109 -15.50 -6.97 4.36
C ARG C 109 -14.15 -6.85 5.05
N LYS C 110 -13.56 -7.95 5.53
CA LYS C 110 -12.30 -7.94 6.26
C LYS C 110 -11.17 -8.63 5.51
N TRP C 111 -11.38 -9.86 5.03
CA TRP C 111 -10.30 -10.57 4.36
C TRP C 111 -10.11 -10.13 2.91
N ILE C 112 -10.99 -9.28 2.38
CA ILE C 112 -10.81 -8.79 1.02
C ILE C 112 -9.60 -7.87 0.94
N GLN C 113 -9.20 -7.25 2.07
CA GLN C 113 -8.10 -6.31 2.07
C GLN C 113 -6.76 -6.96 1.74
N CYS C 114 -6.66 -8.28 1.86
CA CYS C 114 -5.39 -8.96 1.63
C CYS C 114 -5.00 -8.99 0.15
N PHE C 115 -5.88 -8.60 -0.75
CA PHE C 115 -5.65 -8.71 -2.19
C PHE C 115 -5.53 -7.35 -2.86
N ASN C 116 -4.81 -6.42 -2.24
CA ASN C 116 -4.62 -5.09 -2.80
C ASN C 116 -3.38 -5.00 -3.70
N ASP C 117 -2.62 -6.09 -3.87
CA ASP C 117 -1.44 -6.09 -4.71
C ASP C 117 -1.62 -6.86 -6.01
N VAL C 118 -2.79 -7.45 -6.24
CA VAL C 118 -2.98 -8.25 -7.45
C VAL C 118 -2.91 -7.36 -8.68
N THR C 119 -2.51 -7.95 -9.80
CA THR C 119 -2.44 -7.20 -11.06
C THR C 119 -3.83 -6.85 -11.56
N ALA C 120 -4.80 -7.76 -11.42
CA ALA C 120 -6.15 -7.52 -11.88
C ALA C 120 -7.09 -8.44 -11.13
N ILE C 121 -8.38 -8.14 -11.20
CA ILE C 121 -9.42 -8.95 -10.57
C ILE C 121 -10.35 -9.44 -11.67
N ILE C 122 -10.37 -10.76 -11.89
CA ILE C 122 -11.31 -11.34 -12.83
C ILE C 122 -12.70 -11.36 -12.19
N PHE C 123 -13.71 -10.93 -12.94
CA PHE C 123 -15.07 -10.81 -12.44
C PHE C 123 -16.00 -11.49 -13.44
N VAL C 124 -16.67 -12.55 -12.99
CA VAL C 124 -17.54 -13.36 -13.84
C VAL C 124 -18.99 -13.15 -13.40
N VAL C 125 -19.87 -12.94 -14.38
CA VAL C 125 -21.28 -12.66 -14.12
C VAL C 125 -22.13 -13.49 -15.09
N ASP C 126 -23.29 -13.94 -14.62
CA ASP C 126 -24.25 -14.69 -15.44
C ASP C 126 -25.23 -13.68 -16.04
N SER C 127 -25.24 -13.63 -17.38
CA SER C 127 -26.09 -12.67 -18.09
C SER C 127 -27.47 -13.22 -18.43
N SER C 128 -27.69 -14.53 -18.29
CA SER C 128 -28.95 -15.13 -18.70
C SER C 128 -29.98 -15.24 -17.59
N ASP C 129 -29.64 -14.86 -16.36
CA ASP C 129 -30.55 -14.93 -15.22
C ASP C 129 -30.80 -13.50 -14.72
N TYR C 130 -32.01 -12.99 -15.00
CA TYR C 130 -32.32 -11.61 -14.66
C TYR C 130 -32.69 -11.44 -13.20
N ASN C 131 -33.08 -12.53 -12.51
CA ASN C 131 -33.61 -12.40 -11.17
C ASN C 131 -32.58 -11.83 -10.21
N ARG C 132 -31.34 -12.31 -10.27
CA ARG C 132 -30.29 -11.89 -9.36
C ARG C 132 -29.22 -11.03 -10.03
N LEU C 133 -29.53 -10.46 -11.21
CA LEU C 133 -28.58 -9.57 -11.86
C LEU C 133 -28.36 -8.30 -11.04
N GLN C 134 -29.38 -7.87 -10.28
CA GLN C 134 -29.25 -6.66 -9.48
C GLN C 134 -28.18 -6.81 -8.41
N GLU C 135 -28.11 -7.96 -7.75
CA GLU C 135 -27.12 -8.14 -6.69
C GLU C 135 -25.70 -8.05 -7.24
N ALA C 136 -25.50 -8.43 -8.50
CA ALA C 136 -24.18 -8.32 -9.11
C ALA C 136 -23.75 -6.87 -9.22
N LEU C 137 -24.68 -5.98 -9.59
CA LEU C 137 -24.34 -4.57 -9.74
C LEU C 137 -23.92 -3.96 -8.41
N ASN C 138 -24.61 -4.32 -7.33
CA ASN C 138 -24.26 -3.78 -6.02
C ASN C 138 -22.86 -4.20 -5.60
N LEU C 139 -22.50 -5.46 -5.85
CA LEU C 139 -21.15 -5.92 -5.51
C LEU C 139 -20.10 -5.20 -6.33
N PHE C 140 -20.36 -4.98 -7.62
CA PHE C 140 -19.39 -4.32 -8.48
C PHE C 140 -19.13 -2.89 -8.01
N LYS C 141 -20.19 -2.18 -7.61
CA LYS C 141 -20.02 -0.80 -7.15
C LYS C 141 -19.16 -0.75 -5.90
N SER C 142 -19.36 -1.68 -4.96
CA SER C 142 -18.60 -1.65 -3.71
C SER C 142 -17.12 -1.89 -3.97
N ILE C 143 -16.79 -2.82 -4.87
CA ILE C 143 -15.38 -3.09 -5.18
C ILE C 143 -14.75 -1.86 -5.82
N TRP C 144 -15.48 -1.19 -6.71
CA TRP C 144 -14.92 -0.07 -7.45
C TRP C 144 -14.55 1.08 -6.51
N ASN C 145 -15.41 1.37 -5.54
CA ASN C 145 -15.23 2.53 -4.66
C ASN C 145 -14.52 2.21 -3.35
N ASN C 146 -14.12 0.96 -3.13
CA ASN C 146 -13.45 0.63 -1.87
C ASN C 146 -12.13 1.36 -1.77
N ARG C 147 -11.78 1.78 -0.54
CA ARG C 147 -10.60 2.60 -0.34
C ARG C 147 -9.32 1.87 -0.72
N TRP C 148 -9.21 0.59 -0.36
CA TRP C 148 -7.98 -0.16 -0.58
C TRP C 148 -7.92 -0.85 -1.94
N LEU C 149 -8.96 -0.70 -2.78
CA LEU C 149 -9.00 -1.32 -4.10
C LEU C 149 -9.25 -0.30 -5.20
N ARG C 150 -8.93 0.97 -4.97
CA ARG C 150 -9.16 2.00 -5.98
C ARG C 150 -8.27 1.82 -7.21
N THR C 151 -7.07 1.24 -7.05
CA THR C 151 -6.07 1.20 -8.10
C THR C 151 -6.10 -0.13 -8.87
N ILE C 152 -6.98 -1.05 -8.52
CA ILE C 152 -7.00 -2.39 -9.09
C ILE C 152 -7.97 -2.42 -10.25
N SER C 153 -7.48 -2.79 -11.43
CA SER C 153 -8.33 -2.92 -12.61
C SER C 153 -9.18 -4.17 -12.49
N VAL C 154 -10.26 -4.20 -13.27
CA VAL C 154 -11.20 -5.31 -13.29
C VAL C 154 -11.36 -5.78 -14.72
N ILE C 155 -11.24 -7.10 -14.93
CA ILE C 155 -11.51 -7.72 -16.22
C ILE C 155 -12.85 -8.43 -16.09
N LEU C 156 -13.82 -8.03 -16.90
CA LEU C 156 -15.21 -8.43 -16.71
C LEU C 156 -15.59 -9.45 -17.78
N PHE C 157 -16.12 -10.59 -17.35
CA PHE C 157 -16.57 -11.67 -18.23
C PHE C 157 -18.08 -11.80 -18.10
N LEU C 158 -18.76 -12.00 -19.23
CA LEU C 158 -20.21 -12.19 -19.24
C LEU C 158 -20.51 -13.55 -19.88
N ASN C 159 -20.54 -14.58 -19.04
CA ASN C 159 -20.90 -15.91 -19.49
C ASN C 159 -22.39 -15.97 -19.83
N LYS C 160 -22.82 -17.16 -20.27
CA LYS C 160 -24.12 -17.70 -20.64
C LYS C 160 -24.77 -16.89 -21.76
N GLN C 161 -23.94 -16.41 -22.70
CA GLN C 161 -24.48 -15.72 -23.86
C GLN C 161 -25.34 -16.64 -24.70
N ASP C 162 -24.93 -17.91 -24.85
CA ASP C 162 -25.76 -18.87 -25.58
C ASP C 162 -27.12 -19.05 -24.91
N LEU C 163 -27.14 -19.12 -23.58
CA LEU C 163 -28.42 -19.21 -22.88
C LEU C 163 -29.24 -17.94 -23.08
N LEU C 164 -28.58 -16.78 -23.08
CA LEU C 164 -29.31 -15.52 -23.25
C LEU C 164 -29.99 -15.46 -24.61
N ALA C 165 -29.32 -15.96 -25.66
CA ALA C 165 -29.92 -15.94 -26.99
C ALA C 165 -31.20 -16.76 -27.03
N GLU C 166 -31.17 -17.95 -26.44
CA GLU C 166 -32.36 -18.80 -26.46
C GLU C 166 -33.48 -18.22 -25.59
N LYS C 167 -33.13 -17.62 -24.45
CA LYS C 167 -34.14 -17.13 -23.52
C LYS C 167 -34.94 -15.99 -24.13
N VAL C 168 -34.27 -15.04 -24.79
CA VAL C 168 -34.96 -13.87 -25.31
C VAL C 168 -35.83 -14.25 -26.50
N LEU C 169 -35.31 -15.08 -27.40
CA LEU C 169 -36.04 -15.42 -28.63
C LEU C 169 -37.35 -16.12 -28.22
N ALA C 170 -37.40 -16.78 -27.07
CA ALA C 170 -38.58 -17.53 -26.58
C ALA C 170 -39.71 -16.59 -26.24
N GLY C 171 -39.44 -15.43 -25.64
CA GLY C 171 -40.45 -14.42 -25.23
C GLY C 171 -41.13 -14.78 -23.91
N LYS C 172 -40.54 -15.63 -23.08
CA LYS C 172 -41.11 -15.98 -21.76
C LYS C 172 -40.76 -14.89 -20.74
N SER C 173 -39.50 -14.44 -20.64
CA SER C 173 -39.07 -13.43 -19.65
C SER C 173 -38.49 -12.25 -20.38
N LYS C 174 -38.69 -11.04 -19.87
CA LYS C 174 -38.24 -9.81 -20.54
C LYS C 174 -37.31 -9.05 -19.61
N ILE C 175 -36.18 -8.55 -20.13
CA ILE C 175 -35.21 -7.78 -19.33
C ILE C 175 -36.05 -6.62 -18.85
N GLU C 176 -37.13 -6.28 -19.55
CA GLU C 176 -38.00 -5.11 -19.25
C GLU C 176 -38.65 -5.18 -17.87
N ASP C 177 -39.14 -6.33 -17.39
CA ASP C 177 -39.90 -6.42 -16.12
C ASP C 177 -38.97 -6.23 -14.95
N TYR C 178 -37.67 -6.43 -15.13
CA TYR C 178 -36.63 -6.16 -14.12
C TYR C 178 -35.80 -4.93 -14.52
N PHE C 179 -36.09 -4.20 -15.63
CA PHE C 179 -35.34 -3.00 -15.98
C PHE C 179 -36.22 -2.12 -16.86
N PRO C 180 -36.96 -1.17 -16.27
CA PRO C 180 -37.82 -0.31 -17.10
C PRO C 180 -37.06 0.51 -18.14
N GLU C 181 -35.78 0.78 -17.91
CA GLU C 181 -35.03 1.62 -18.84
C GLU C 181 -34.88 0.97 -20.21
N PHE C 182 -35.06 -0.35 -20.30
CA PHE C 182 -34.84 -1.03 -21.57
C PHE C 182 -35.83 -0.58 -22.64
N ALA C 183 -36.97 0.00 -22.24
CA ALA C 183 -37.98 0.39 -23.22
C ALA C 183 -37.54 1.55 -24.10
N ARG C 184 -36.48 2.28 -23.72
CA ARG C 184 -36.04 3.47 -24.42
C ARG C 184 -34.56 3.39 -24.81
N TYR C 185 -34.08 2.19 -25.14
CA TYR C 185 -32.68 1.96 -25.44
C TYR C 185 -32.51 1.59 -26.91
N THR C 186 -31.40 2.04 -27.50
CA THR C 186 -31.06 1.75 -28.88
C THR C 186 -29.61 1.28 -28.96
N THR C 187 -29.32 0.49 -29.98
CA THR C 187 -27.98 -0.06 -30.13
C THR C 187 -26.99 1.08 -30.39
N PRO C 188 -25.73 0.96 -29.91
CA PRO C 188 -24.77 2.03 -30.24
C PRO C 188 -24.48 2.12 -31.73
N PRO C 195 -27.02 -12.88 -32.33
CA PRO C 195 -27.18 -11.46 -32.69
C PRO C 195 -27.72 -11.27 -34.10
N GLY C 196 -27.09 -11.93 -35.07
CA GLY C 196 -27.55 -11.82 -36.44
C GLY C 196 -28.91 -12.43 -36.65
N GLU C 197 -29.28 -13.38 -35.79
CA GLU C 197 -30.58 -14.03 -35.93
C GLU C 197 -31.73 -13.03 -35.77
N ASP C 198 -31.60 -12.12 -34.80
CA ASP C 198 -32.64 -11.12 -34.55
C ASP C 198 -32.00 -9.96 -33.80
N PRO C 199 -32.27 -8.71 -34.20
CA PRO C 199 -31.57 -7.58 -33.55
C PRO C 199 -31.91 -7.39 -32.09
N ARG C 200 -33.01 -7.96 -31.60
CA ARG C 200 -33.33 -7.84 -30.18
C ARG C 200 -32.26 -8.53 -29.33
N VAL C 201 -31.63 -9.57 -29.86
CA VAL C 201 -30.52 -10.20 -29.16
C VAL C 201 -29.38 -9.21 -29.00
N THR C 202 -29.03 -8.49 -30.07
CA THR C 202 -27.97 -7.50 -29.99
C THR C 202 -28.35 -6.36 -29.05
N ARG C 203 -29.61 -5.92 -29.10
CA ARG C 203 -30.05 -4.86 -28.20
C ARG C 203 -29.99 -5.33 -26.74
N ALA C 204 -30.36 -6.57 -26.49
CA ALA C 204 -30.37 -7.07 -25.11
C ALA C 204 -28.95 -7.25 -24.58
N LYS C 205 -28.09 -7.94 -25.34
CA LYS C 205 -26.76 -8.26 -24.83
C LYS C 205 -25.92 -7.00 -24.63
N TYR C 206 -26.00 -6.05 -25.55
CA TYR C 206 -25.26 -4.80 -25.38
C TYR C 206 -25.83 -3.98 -24.23
N PHE C 207 -27.13 -4.06 -23.99
CA PHE C 207 -27.73 -3.29 -22.90
C PHE C 207 -27.18 -3.73 -21.56
N ILE C 208 -27.01 -5.04 -21.35
CA ILE C 208 -26.44 -5.52 -20.10
C ILE C 208 -24.99 -5.07 -19.97
N ARG C 209 -24.23 -5.12 -21.07
CA ARG C 209 -22.87 -4.61 -21.04
C ARG C 209 -22.84 -3.12 -20.72
N ASP C 210 -23.81 -2.37 -21.27
CA ASP C 210 -23.83 -0.92 -21.04
C ASP C 210 -24.05 -0.61 -19.56
N GLU C 211 -24.85 -1.42 -18.86
CA GLU C 211 -25.12 -1.15 -17.45
C GLU C 211 -23.85 -1.24 -16.63
N PHE C 212 -22.99 -2.23 -16.92
CA PHE C 212 -21.78 -2.41 -16.13
C PHE C 212 -20.78 -1.29 -16.39
N LEU C 213 -20.66 -0.86 -17.65
CA LEU C 213 -19.70 0.20 -17.97
C LEU C 213 -20.13 1.54 -17.39
N ARG C 214 -21.44 1.78 -17.26
CA ARG C 214 -21.91 3.04 -16.72
C ARG C 214 -21.39 3.24 -15.29
N ILE C 215 -21.40 2.18 -14.49
CA ILE C 215 -20.84 2.26 -13.15
C ILE C 215 -19.35 2.52 -13.20
N SER C 216 -18.67 1.95 -14.21
CA SER C 216 -17.22 2.07 -14.29
C SER C 216 -16.80 3.51 -14.56
N THR C 217 -17.38 4.14 -15.58
CA THR C 217 -16.95 5.47 -15.98
C THR C 217 -17.53 6.58 -15.12
N ALA C 218 -18.60 6.29 -14.36
CA ALA C 218 -19.24 7.33 -13.57
C ALA C 218 -18.33 7.87 -12.48
N SER C 219 -17.57 6.99 -11.82
CA SER C 219 -16.70 7.37 -10.69
C SER C 219 -15.32 6.76 -10.95
N GLY C 220 -14.47 7.54 -11.61
CA GLY C 220 -13.11 7.10 -11.91
C GLY C 220 -12.30 8.31 -12.35
N ASP C 221 -10.98 8.14 -12.38
CA ASP C 221 -10.07 9.19 -12.80
C ASP C 221 -8.95 8.66 -13.69
N GLY C 222 -9.22 7.58 -14.42
CA GLY C 222 -8.31 6.99 -15.41
C GLY C 222 -7.10 6.30 -14.78
N ARG C 223 -7.11 6.04 -13.47
CA ARG C 223 -6.05 5.23 -12.86
C ARG C 223 -6.39 3.74 -12.84
N HIS C 224 -7.59 3.35 -13.26
CA HIS C 224 -7.94 1.95 -13.42
C HIS C 224 -9.13 1.86 -14.36
N TYR C 225 -9.21 0.74 -15.09
CA TYR C 225 -10.14 0.59 -16.21
C TYR C 225 -10.91 -0.71 -16.09
N CYS C 226 -11.88 -0.88 -16.99
CA CYS C 226 -12.65 -2.12 -17.11
C CYS C 226 -12.57 -2.61 -18.55
N TYR C 227 -12.51 -3.93 -18.72
CA TYR C 227 -12.29 -4.57 -20.03
C TYR C 227 -13.34 -5.65 -20.25
N PRO C 228 -14.56 -5.28 -20.62
CA PRO C 228 -15.61 -6.29 -20.82
C PRO C 228 -15.31 -7.18 -22.02
N HIS C 229 -15.77 -8.43 -21.93
CA HIS C 229 -15.65 -9.40 -23.01
C HIS C 229 -16.92 -10.24 -23.06
N PHE C 230 -17.23 -10.75 -24.25
CA PHE C 230 -18.39 -11.60 -24.48
C PHE C 230 -17.86 -13.00 -24.76
N THR C 231 -17.92 -13.88 -23.75
CA THR C 231 -17.40 -15.24 -23.82
C THR C 231 -18.53 -16.22 -23.64
N CYS C 232 -18.47 -17.34 -24.39
CA CYS C 232 -19.47 -18.39 -24.30
C CYS C 232 -19.03 -19.45 -23.29
N ALA C 233 -19.88 -20.45 -23.11
CA ALA C 233 -19.57 -21.52 -22.16
C ALA C 233 -18.34 -22.31 -22.59
N VAL C 234 -18.25 -22.63 -23.88
CA VAL C 234 -17.15 -23.42 -24.42
C VAL C 234 -16.31 -22.56 -25.36
N ASP C 235 -15.20 -22.03 -24.85
CA ASP C 235 -14.28 -21.21 -25.62
C ASP C 235 -12.86 -21.50 -25.19
N THR C 236 -11.96 -21.55 -26.18
CA THR C 236 -10.55 -21.78 -25.94
C THR C 236 -9.72 -20.51 -25.95
N GLU C 237 -10.33 -19.35 -26.18
CA GLU C 237 -9.60 -18.09 -26.29
C GLU C 237 -9.58 -17.29 -25.00
N ASN C 238 -10.08 -17.84 -23.89
CA ASN C 238 -10.11 -17.10 -22.64
C ASN C 238 -8.71 -16.77 -22.16
N ALA C 239 -7.78 -17.73 -22.27
CA ALA C 239 -6.42 -17.51 -21.79
C ALA C 239 -5.74 -16.38 -22.55
N ARG C 240 -5.94 -16.33 -23.87
CA ARG C 240 -5.34 -15.27 -24.66
C ARG C 240 -5.90 -13.90 -24.28
N ARG C 241 -7.21 -13.82 -24.01
CA ARG C 241 -7.83 -12.54 -23.68
C ARG C 241 -7.24 -11.95 -22.40
N ILE C 242 -6.99 -12.80 -21.40
CA ILE C 242 -6.41 -12.30 -20.16
C ILE C 242 -5.00 -11.78 -20.40
N PHE C 243 -4.26 -12.41 -21.30
CA PHE C 243 -2.88 -11.99 -21.56
C PHE C 243 -2.84 -10.60 -22.16
N ASN C 244 -3.70 -10.32 -23.14
CA ASN C 244 -3.69 -9.02 -23.80
C ASN C 244 -4.07 -7.91 -22.83
N ASP C 245 -5.10 -8.12 -22.02
CA ASP C 245 -5.54 -7.09 -21.08
C ASP C 245 -4.47 -6.84 -20.02
N CYS C 246 -3.81 -7.89 -19.56
CA CYS C 246 -2.71 -7.71 -18.61
C CYS C 246 -1.57 -6.92 -19.23
N ARG C 247 -1.29 -7.15 -20.52
CA ARG C 247 -0.22 -6.46 -21.22
C ARG C 247 -0.47 -4.95 -21.24
N ASP C 248 -1.72 -4.55 -21.51
CA ASP C 248 -2.07 -3.14 -21.59
C ASP C 248 -1.96 -2.47 -20.21
N ILE C 249 -2.30 -3.20 -19.15
CA ILE C 249 -2.21 -2.63 -17.81
C ILE C 249 -0.77 -2.28 -17.47
N ILE C 250 0.17 -3.12 -17.92
CA ILE C 250 1.58 -2.91 -17.59
C ILE C 250 2.12 -1.68 -18.31
N GLN C 251 1.77 -1.50 -19.58
CA GLN C 251 2.32 -0.37 -20.34
C GLN C 251 1.95 0.96 -19.70
N ARG C 252 0.69 1.12 -19.29
CA ARG C 252 0.27 2.38 -18.68
C ARG C 252 1.03 2.65 -17.40
N MET C 253 1.46 1.60 -16.70
CA MET C 253 2.30 1.79 -15.53
C MET C 253 3.70 2.25 -15.92
N HIS C 254 4.30 1.59 -16.92
CA HIS C 254 5.66 1.95 -17.32
C HIS C 254 5.71 3.35 -17.93
N LEU C 255 4.71 3.70 -18.75
CA LEU C 255 4.69 5.04 -19.34
C LEU C 255 4.54 6.11 -18.28
N ARG C 256 3.71 5.86 -17.27
CA ARG C 256 3.41 6.90 -16.28
C ARG C 256 4.66 7.27 -15.48
N GLN C 257 5.46 6.28 -15.08
CA GLN C 257 6.64 6.58 -14.28
C GLN C 257 7.73 7.25 -15.11
N TYR C 258 7.70 7.05 -16.43
CA TYR C 258 8.63 7.73 -17.34
C TYR C 258 8.13 9.09 -17.79
N GLU C 259 6.97 9.54 -17.29
CA GLU C 259 6.41 10.88 -17.45
C GLU C 259 5.84 11.10 -18.84
N LEU C 260 5.59 10.04 -19.62
CA LEU C 260 5.00 10.19 -20.94
C LEU C 260 3.47 10.35 -20.90
N LEU C 261 2.86 10.19 -19.73
CA LEU C 261 1.44 10.49 -19.53
C LEU C 261 1.26 11.48 -18.39
N GLN D 1 -25.42 1.13 23.21
CA GLN D 1 -25.30 0.15 22.13
C GLN D 1 -26.17 0.54 20.95
N VAL D 2 -25.79 0.09 19.76
CA VAL D 2 -26.56 0.39 18.55
C VAL D 2 -27.87 -0.39 18.61
N GLN D 3 -28.98 0.28 18.37
CA GLN D 3 -30.30 -0.33 18.39
C GLN D 3 -31.17 0.28 17.31
N LEU D 4 -31.91 -0.58 16.60
CA LEU D 4 -32.81 -0.15 15.54
C LEU D 4 -34.15 -0.84 15.74
N GLN D 5 -35.21 -0.04 15.90
CA GLN D 5 -36.56 -0.53 16.18
C GLN D 5 -37.47 -0.12 15.03
N GLU D 6 -38.26 -1.06 14.54
CA GLU D 6 -39.13 -0.84 13.39
C GLU D 6 -40.60 -0.97 13.77
N SER D 7 -41.46 -0.45 12.90
CA SER D 7 -42.91 -0.56 13.07
C SER D 7 -43.58 -0.06 11.81
N GLY D 8 -44.86 -0.41 11.66
CA GLY D 8 -45.68 0.08 10.56
C GLY D 8 -46.43 -0.99 9.81
N GLY D 9 -45.89 -2.20 9.74
CA GLY D 9 -46.53 -3.25 8.97
C GLY D 9 -47.87 -3.64 9.58
N GLY D 10 -48.79 -4.08 8.73
CA GLY D 10 -50.15 -4.53 8.91
C GLY D 10 -50.74 -4.99 7.59
N LEU D 11 -51.99 -5.45 7.67
CA LEU D 11 -52.72 -5.94 6.51
C LEU D 11 -53.34 -4.78 5.74
N VAL D 12 -53.14 -4.76 4.42
CA VAL D 12 -53.70 -3.73 3.56
C VAL D 12 -54.15 -4.37 2.26
N GLN D 13 -55.29 -3.92 1.75
CA GLN D 13 -55.81 -4.42 0.49
C GLN D 13 -54.89 -3.98 -0.66
N PRO D 14 -54.91 -4.71 -1.78
CA PRO D 14 -54.05 -4.32 -2.91
C PRO D 14 -54.38 -2.91 -3.40
N GLY D 15 -53.34 -2.19 -3.82
CA GLY D 15 -53.48 -0.82 -4.25
C GLY D 15 -53.48 0.20 -3.14
N GLY D 16 -53.21 -0.20 -1.90
CA GLY D 16 -53.21 0.70 -0.77
C GLY D 16 -51.87 1.40 -0.60
N SER D 17 -51.70 1.98 0.58
CA SER D 17 -50.47 2.66 0.96
C SER D 17 -50.13 2.37 2.41
N LEU D 18 -48.84 2.39 2.72
CA LEU D 18 -48.34 2.17 4.08
C LEU D 18 -47.17 3.10 4.31
N ARG D 19 -46.95 3.47 5.58
CA ARG D 19 -45.86 4.34 5.96
C ARG D 19 -45.01 3.60 6.98
N LEU D 20 -43.72 3.44 6.67
CA LEU D 20 -42.78 2.71 7.52
C LEU D 20 -41.76 3.67 8.10
N SER D 21 -41.54 3.58 9.41
CA SER D 21 -40.62 4.45 10.13
C SER D 21 -39.76 3.62 11.06
N CYS D 22 -38.47 3.95 11.12
CA CYS D 22 -37.51 3.27 11.99
C CYS D 22 -36.77 4.31 12.81
N ALA D 23 -36.57 4.01 14.10
CA ALA D 23 -35.84 4.89 15.01
C ALA D 23 -34.47 4.31 15.28
N ALA D 24 -33.44 5.16 15.24
CA ALA D 24 -32.06 4.76 15.47
C ALA D 24 -31.50 5.52 16.66
N SER D 25 -30.77 4.80 17.51
CA SER D 25 -30.18 5.38 18.71
C SER D 25 -28.84 4.72 18.99
N GLY D 26 -27.99 5.44 19.73
CA GLY D 26 -26.70 4.93 20.14
C GLY D 26 -25.52 5.35 19.29
N PHE D 27 -25.75 6.15 18.25
CA PHE D 27 -24.67 6.57 17.38
C PHE D 27 -25.07 7.85 16.65
N THR D 28 -24.07 8.54 16.10
CA THR D 28 -24.31 9.75 15.32
C THR D 28 -24.98 9.38 14.01
N PHE D 29 -26.26 9.75 13.86
CA PHE D 29 -27.01 9.34 12.69
C PHE D 29 -26.48 9.99 11.41
N SER D 30 -25.91 11.19 11.53
CA SER D 30 -25.59 11.99 10.35
C SER D 30 -24.49 11.38 9.49
N ASN D 31 -23.64 10.53 10.07
CA ASN D 31 -22.43 10.07 9.39
C ASN D 31 -22.59 8.74 8.67
N TYR D 32 -23.77 8.14 8.65
CA TYR D 32 -23.95 6.78 8.20
C TYR D 32 -24.95 6.72 7.04
N LYS D 33 -24.66 5.86 6.07
CA LYS D 33 -25.54 5.66 4.92
C LYS D 33 -26.55 4.54 5.23
N MET D 34 -27.83 4.87 5.17
CA MET D 34 -28.89 3.97 5.63
C MET D 34 -29.52 3.25 4.43
N ASN D 35 -29.97 2.01 4.66
CA ASN D 35 -30.53 1.17 3.62
C ASN D 35 -31.86 0.57 4.07
N TRP D 36 -32.60 0.03 3.10
CA TRP D 36 -33.82 -0.73 3.33
C TRP D 36 -33.71 -2.07 2.62
N VAL D 37 -34.03 -3.16 3.32
CA VAL D 37 -33.98 -4.50 2.75
C VAL D 37 -35.24 -5.25 3.15
N ARG D 38 -35.57 -6.28 2.37
CA ARG D 38 -36.76 -7.08 2.59
C ARG D 38 -36.45 -8.54 2.30
N GLN D 39 -37.30 -9.43 2.84
CA GLN D 39 -37.19 -10.87 2.63
C GLN D 39 -38.58 -11.43 2.41
N ALA D 40 -38.84 -11.94 1.20
CA ALA D 40 -40.10 -12.57 0.92
C ALA D 40 -40.11 -14.00 1.48
N PRO D 41 -41.29 -14.60 1.67
CA PRO D 41 -41.33 -15.98 2.19
C PRO D 41 -40.60 -16.95 1.27
N GLY D 42 -39.84 -17.87 1.87
CA GLY D 42 -39.15 -18.88 1.12
C GLY D 42 -38.14 -18.37 0.12
N LYS D 43 -37.54 -17.20 0.39
CA LYS D 43 -36.58 -16.58 -0.51
C LYS D 43 -35.49 -15.89 0.31
N GLY D 44 -34.38 -15.59 -0.37
CA GLY D 44 -33.27 -14.92 0.27
C GLY D 44 -33.49 -13.42 0.41
N LEU D 45 -32.54 -12.78 1.09
CA LEU D 45 -32.63 -11.34 1.32
C LEU D 45 -32.52 -10.59 0.00
N GLU D 46 -33.23 -9.47 -0.10
CA GLU D 46 -33.28 -8.65 -1.31
C GLU D 46 -33.05 -7.19 -0.93
N TRP D 47 -32.39 -6.45 -1.81
CA TRP D 47 -32.13 -5.04 -1.59
C TRP D 47 -33.21 -4.19 -2.22
N VAL D 48 -33.62 -3.12 -1.53
CA VAL D 48 -34.71 -2.26 -1.98
C VAL D 48 -34.20 -0.88 -2.38
N SER D 49 -33.62 -0.13 -1.44
CA SER D 49 -33.21 1.25 -1.72
C SER D 49 -32.19 1.67 -0.67
N ASP D 50 -31.57 2.82 -0.92
CA ASP D 50 -30.60 3.40 0.00
C ASP D 50 -30.64 4.91 -0.12
N ILE D 51 -30.11 5.59 0.90
CA ILE D 51 -30.07 7.05 0.94
C ILE D 51 -28.72 7.47 1.51
N SER D 52 -28.12 8.50 0.92
CA SER D 52 -26.78 8.92 1.30
C SER D 52 -26.80 9.64 2.64
N GLN D 53 -25.66 10.22 3.00
CA GLN D 53 -25.53 10.88 4.31
C GLN D 53 -26.50 12.05 4.42
N SER D 54 -26.48 12.96 3.45
CA SER D 54 -27.32 14.14 3.46
C SER D 54 -28.59 13.98 2.63
N GLY D 55 -28.81 12.82 2.01
CA GLY D 55 -29.97 12.62 1.18
C GLY D 55 -29.83 13.09 -0.25
N ALA D 56 -28.64 13.55 -0.66
CA ALA D 56 -28.46 14.01 -2.03
C ALA D 56 -28.62 12.89 -3.02
N SER D 57 -28.07 11.71 -2.71
CA SER D 57 -28.09 10.57 -3.61
C SER D 57 -29.16 9.59 -3.15
N ILE D 58 -30.06 9.21 -4.06
CA ILE D 58 -31.15 8.29 -3.78
C ILE D 58 -31.23 7.28 -4.92
N SER D 59 -31.53 6.03 -4.58
CA SER D 59 -31.63 4.96 -5.57
C SER D 59 -32.71 3.99 -5.14
N TYR D 60 -33.23 3.24 -6.12
CA TYR D 60 -34.25 2.23 -5.87
C TYR D 60 -33.97 1.01 -6.74
N THR D 61 -34.51 -0.13 -6.32
CA THR D 61 -34.46 -1.34 -7.13
C THR D 61 -35.35 -1.17 -8.36
N GLY D 62 -34.98 -1.85 -9.44
CA GLY D 62 -35.70 -1.68 -10.69
C GLY D 62 -37.15 -2.08 -10.61
N SER D 63 -37.47 -3.08 -9.79
CA SER D 63 -38.83 -3.59 -9.72
C SER D 63 -39.79 -2.68 -8.97
N VAL D 64 -39.31 -1.62 -8.32
CA VAL D 64 -40.15 -0.76 -7.50
C VAL D 64 -39.98 0.72 -7.83
N LYS D 65 -39.40 1.07 -8.97
CA LYS D 65 -39.23 2.47 -9.32
C LYS D 65 -40.59 3.13 -9.53
N GLY D 66 -40.75 4.32 -8.98
CA GLY D 66 -41.97 5.08 -9.14
C GLY D 66 -43.08 4.72 -8.19
N ARG D 67 -42.84 3.83 -7.23
CA ARG D 67 -43.85 3.42 -6.25
C ARG D 67 -43.42 3.65 -4.81
N PHE D 68 -42.13 3.58 -4.52
CA PHE D 68 -41.61 3.79 -3.16
C PHE D 68 -40.74 5.03 -3.13
N THR D 69 -40.87 5.80 -2.05
CA THR D 69 -40.07 7.00 -1.83
C THR D 69 -39.41 6.90 -0.47
N ILE D 70 -38.10 7.15 -0.43
CA ILE D 70 -37.30 7.01 0.78
C ILE D 70 -36.87 8.40 1.24
N SER D 71 -37.02 8.67 2.53
CA SER D 71 -36.65 9.95 3.11
C SER D 71 -36.07 9.73 4.50
N ARG D 72 -35.22 10.66 4.92
CA ARG D 72 -34.57 10.61 6.21
C ARG D 72 -34.63 11.98 6.86
N ASP D 73 -34.85 12.00 8.17
CA ASP D 73 -34.85 13.22 8.97
C ASP D 73 -33.75 13.10 10.02
N ASN D 74 -32.59 13.68 9.73
CA ASN D 74 -31.45 13.56 10.63
C ASN D 74 -31.71 14.27 11.96
N ALA D 75 -32.58 15.28 11.97
CA ALA D 75 -32.81 16.05 13.19
C ALA D 75 -33.38 15.18 14.31
N LYS D 76 -34.43 14.42 14.00
CA LYS D 76 -35.11 13.61 15.01
C LYS D 76 -34.59 12.18 15.05
N ASN D 77 -33.62 11.84 14.21
CA ASN D 77 -32.82 10.63 13.99
C ASN D 77 -33.71 9.44 13.61
N THR D 78 -34.32 9.54 12.43
CA THR D 78 -35.24 8.51 11.95
C THR D 78 -35.03 8.29 10.46
N LEU D 79 -35.60 7.18 9.99
CA LEU D 79 -35.65 6.85 8.57
C LEU D 79 -37.08 6.51 8.19
N TYR D 80 -37.45 6.80 6.94
CA TYR D 80 -38.82 6.63 6.46
C TYR D 80 -38.84 5.95 5.10
N LEU D 81 -39.97 5.31 4.80
CA LEU D 81 -40.27 4.76 3.47
C LEU D 81 -41.78 4.82 3.28
N GLN D 82 -42.22 5.52 2.23
CA GLN D 82 -43.64 5.63 1.89
C GLN D 82 -43.91 4.76 0.68
N MET D 83 -44.86 3.84 0.80
CA MET D 83 -45.18 2.88 -0.23
C MET D 83 -46.56 3.19 -0.81
N ASN D 84 -46.64 3.21 -2.15
CA ASN D 84 -47.88 3.45 -2.86
C ASN D 84 -48.05 2.41 -3.96
N SER D 85 -49.30 2.04 -4.24
CA SER D 85 -49.91 1.09 -5.18
C SER D 85 -49.27 -0.29 -5.05
N LEU D 86 -49.43 -0.87 -3.86
CA LEU D 86 -48.82 -2.16 -3.56
C LEU D 86 -49.41 -3.25 -4.43
N LYS D 87 -48.55 -4.19 -4.85
CA LYS D 87 -48.94 -5.34 -5.65
C LYS D 87 -49.01 -6.58 -4.79
N PRO D 88 -49.63 -7.66 -5.29
CA PRO D 88 -49.70 -8.90 -4.49
C PRO D 88 -48.34 -9.46 -4.11
N GLU D 89 -47.30 -9.22 -4.93
CA GLU D 89 -45.99 -9.81 -4.70
C GLU D 89 -45.13 -9.02 -3.74
N ASP D 90 -45.64 -7.91 -3.19
CA ASP D 90 -44.84 -7.07 -2.31
C ASP D 90 -44.79 -7.56 -0.87
N THR D 91 -45.56 -8.59 -0.52
CA THR D 91 -45.55 -9.08 0.85
C THR D 91 -44.18 -9.62 1.21
N ALA D 92 -43.66 -9.19 2.37
CA ALA D 92 -42.33 -9.59 2.84
C ALA D 92 -42.11 -8.97 4.21
N VAL D 93 -40.99 -9.36 4.83
CA VAL D 93 -40.56 -8.79 6.10
C VAL D 93 -39.44 -7.80 5.81
N TYR D 94 -39.59 -6.58 6.32
CA TYR D 94 -38.71 -5.47 5.96
C TYR D 94 -37.79 -5.13 7.13
N TYR D 95 -36.48 -5.19 6.89
CA TYR D 95 -35.46 -4.78 7.85
C TYR D 95 -34.79 -3.50 7.38
N CYS D 96 -34.17 -2.79 8.33
CA CYS D 96 -33.47 -1.54 8.08
C CYS D 96 -32.00 -1.74 8.41
N ALA D 97 -31.20 -2.00 7.38
CA ALA D 97 -29.78 -2.23 7.57
C ALA D 97 -29.03 -0.90 7.70
N ARG D 98 -27.71 -0.98 7.86
CA ARG D 98 -26.88 0.20 8.01
C ARG D 98 -25.49 -0.10 7.46
N CYS D 99 -24.82 0.94 7.00
CA CYS D 99 -23.47 0.80 6.46
C CYS D 99 -22.53 0.34 7.56
N PRO D 100 -21.55 -0.52 7.27
CA PRO D 100 -20.66 -1.00 8.35
C PRO D 100 -19.84 0.09 9.03
N ALA D 101 -18.84 0.71 8.36
CA ALA D 101 -17.86 1.71 8.89
C ALA D 101 -18.29 3.17 8.72
N PRO D 102 -17.86 4.15 9.55
CA PRO D 102 -18.29 5.52 9.39
C PRO D 102 -17.56 6.11 8.19
N PHE D 103 -18.18 6.92 7.29
CA PHE D 103 -17.61 7.87 6.29
C PHE D 103 -17.37 7.30 4.87
N THR D 104 -17.10 6.02 4.66
CA THR D 104 -16.87 5.42 3.35
C THR D 104 -18.15 5.42 2.51
N ARG D 105 -17.95 5.40 1.19
CA ARG D 105 -19.04 5.37 0.23
C ARG D 105 -19.39 3.95 -0.22
N ASP D 106 -18.72 2.94 0.34
CA ASP D 106 -18.98 1.55 0.03
C ASP D 106 -19.81 0.93 1.14
N CYS D 107 -20.78 0.09 0.77
CA CYS D 107 -21.58 -0.66 1.73
C CYS D 107 -21.43 -2.15 1.44
N PHE D 108 -20.39 -2.73 2.01
CA PHE D 108 -20.21 -4.18 1.98
C PHE D 108 -21.17 -4.82 2.98
N ASP D 109 -21.43 -6.12 2.78
CA ASP D 109 -22.06 -7.20 3.53
C ASP D 109 -23.47 -6.84 4.01
N VAL D 110 -24.12 -5.85 3.38
CA VAL D 110 -25.38 -5.35 3.93
C VAL D 110 -26.47 -6.42 3.85
N THR D 111 -26.44 -7.24 2.82
CA THR D 111 -27.46 -8.26 2.59
C THR D 111 -27.08 -9.62 3.17
N SER D 112 -26.04 -9.70 4.00
CA SER D 112 -25.61 -10.97 4.53
C SER D 112 -26.68 -11.56 5.45
N THR D 113 -26.62 -12.88 5.64
CA THR D 113 -27.64 -13.56 6.42
C THR D 113 -27.59 -13.17 7.89
N THR D 114 -26.40 -12.99 8.44
CA THR D 114 -26.18 -12.77 9.86
C THR D 114 -25.50 -11.43 10.12
N TYR D 115 -25.99 -10.37 9.47
CA TYR D 115 -25.40 -9.06 9.65
C TYR D 115 -25.67 -8.54 11.06
N ALA D 116 -24.65 -7.92 11.66
CA ALA D 116 -24.75 -7.48 13.05
C ALA D 116 -25.68 -6.28 13.22
N TYR D 117 -25.52 -5.26 12.38
CA TYR D 117 -26.27 -4.00 12.53
C TYR D 117 -27.51 -4.05 11.64
N ARG D 118 -28.57 -4.64 12.17
CA ARG D 118 -29.82 -4.74 11.44
C ARG D 118 -30.99 -4.82 12.44
N GLY D 119 -32.16 -4.45 11.96
CA GLY D 119 -33.34 -4.43 12.80
C GLY D 119 -34.00 -5.78 12.95
N GLN D 120 -35.02 -5.81 13.81
CA GLN D 120 -35.74 -7.06 14.07
C GLN D 120 -36.71 -7.41 12.95
N GLY D 121 -37.30 -6.42 12.29
CA GLY D 121 -38.10 -6.64 11.11
C GLY D 121 -39.59 -6.52 11.38
N THR D 122 -40.32 -6.07 10.35
CA THR D 122 -41.77 -5.90 10.41
C THR D 122 -42.40 -6.63 9.24
N GLN D 123 -43.51 -7.33 9.51
CA GLN D 123 -44.18 -8.11 8.47
C GLN D 123 -45.23 -7.26 7.77
N VAL D 124 -45.28 -7.39 6.44
CA VAL D 124 -46.25 -6.71 5.60
C VAL D 124 -46.91 -7.75 4.70
N THR D 125 -48.24 -7.78 4.70
CA THR D 125 -49.00 -8.75 3.92
C THR D 125 -50.13 -8.04 3.19
N VAL D 126 -50.53 -8.61 2.06
CA VAL D 126 -51.62 -8.06 1.24
C VAL D 126 -52.56 -9.18 0.84
N SER E 21 57.82 24.11 -23.33
CA SER E 21 58.18 24.04 -21.92
C SER E 21 57.16 24.77 -21.06
N GLU E 22 56.53 25.81 -21.63
CA GLU E 22 55.52 26.57 -20.92
C GLU E 22 54.67 27.30 -21.95
N PHE E 23 53.35 27.13 -21.85
CA PHE E 23 52.40 27.67 -22.81
C PHE E 23 51.63 28.82 -22.15
N LEU E 24 51.54 29.94 -22.85
CA LEU E 24 50.73 31.05 -22.37
C LEU E 24 49.28 30.87 -22.81
N LEU E 25 48.35 31.24 -21.91
CA LEU E 25 46.91 31.01 -22.09
C LEU E 25 46.22 32.36 -22.00
N LEU E 26 46.00 33.00 -23.16
CA LEU E 26 45.48 34.36 -23.18
C LEU E 26 44.08 34.43 -22.59
N GLY E 27 43.18 33.57 -23.04
CA GLY E 27 41.80 33.55 -22.57
C GLY E 27 40.86 34.22 -23.56
N LEU E 28 39.59 34.32 -23.14
CA LEU E 28 38.55 34.82 -24.01
C LEU E 28 38.74 36.30 -24.32
N SER E 29 38.95 37.12 -23.28
CA SER E 29 39.00 38.57 -23.45
C SER E 29 39.98 39.15 -22.44
N SER E 30 40.40 40.40 -22.70
CA SER E 30 41.45 41.05 -21.93
C SER E 30 40.99 42.31 -21.20
N GLN E 31 39.91 42.95 -21.63
CA GLN E 31 39.49 44.20 -21.00
C GLN E 31 39.06 43.93 -19.56
N PRO E 32 39.43 44.81 -18.58
CA PRO E 32 39.12 44.51 -17.18
C PRO E 32 37.63 44.30 -16.90
N GLU E 33 36.77 45.10 -17.54
CA GLU E 33 35.34 44.95 -17.34
C GLU E 33 34.87 43.58 -17.83
N GLN E 34 35.35 43.17 -19.00
CA GLN E 34 35.02 41.85 -19.51
C GLN E 34 35.57 40.76 -18.59
N GLN E 35 36.77 40.97 -18.04
CA GLN E 35 37.35 40.00 -17.13
C GLN E 35 36.46 39.79 -15.91
N ASN E 36 36.03 40.88 -15.28
CA ASN E 36 35.18 40.77 -14.10
C ASN E 36 33.82 40.15 -14.44
N LEU E 37 33.24 40.57 -15.57
CA LEU E 37 31.95 40.01 -15.96
C LEU E 37 32.05 38.50 -16.19
N LEU E 38 33.09 38.07 -16.90
CA LEU E 38 33.29 36.64 -17.12
C LEU E 38 33.50 35.90 -15.81
N PHE E 39 34.29 36.48 -14.91
CA PHE E 39 34.52 35.83 -13.62
C PHE E 39 33.21 35.60 -12.88
N ALA E 40 32.40 36.64 -12.76
CA ALA E 40 31.13 36.50 -12.05
C ALA E 40 30.22 35.47 -12.72
N LEU E 41 30.12 35.56 -14.05
CA LEU E 41 29.22 34.66 -14.77
C LEU E 41 29.63 33.20 -14.60
N PHE E 42 30.90 32.90 -14.84
CA PHE E 42 31.35 31.52 -14.76
C PHE E 42 31.27 31.00 -13.32
N LEU E 43 31.58 31.85 -12.33
CA LEU E 43 31.47 31.41 -10.95
C LEU E 43 30.04 31.03 -10.60
N SER E 44 29.07 31.88 -10.98
CA SER E 44 27.68 31.57 -10.66
C SER E 44 27.23 30.29 -11.34
N MET E 45 27.57 30.12 -12.62
CA MET E 45 27.14 28.92 -13.33
C MET E 45 27.77 27.66 -12.74
N TYR E 46 29.05 27.73 -12.37
CA TYR E 46 29.71 26.57 -11.77
C TYR E 46 29.07 26.19 -10.44
N LEU E 47 28.80 27.18 -9.59
CA LEU E 47 28.17 26.87 -8.29
C LEU E 47 26.79 26.26 -8.49
N VAL E 48 26.00 26.79 -9.43
CA VAL E 48 24.68 26.24 -9.67
C VAL E 48 24.78 24.79 -10.13
N THR E 49 25.70 24.50 -11.06
CA THR E 49 25.88 23.14 -11.54
C THR E 49 26.23 22.20 -10.40
N VAL E 50 27.20 22.58 -9.58
CA VAL E 50 27.66 21.70 -8.50
C VAL E 50 26.52 21.43 -7.52
N LEU E 51 25.81 22.48 -7.11
CA LEU E 51 24.74 22.29 -6.14
C LEU E 51 23.64 21.39 -6.69
N GLY E 52 23.21 21.63 -7.94
CA GLY E 52 22.13 20.82 -8.49
C GLY E 52 22.52 19.35 -8.58
N ASN E 53 23.72 19.08 -9.10
CA ASN E 53 24.14 17.70 -9.25
C ASN E 53 24.29 17.01 -7.90
N LEU E 54 24.83 17.72 -6.91
CA LEU E 54 24.99 17.12 -5.58
C LEU E 54 23.65 16.81 -4.94
N LEU E 55 22.67 17.72 -5.07
CA LEU E 55 21.35 17.43 -4.53
C LEU E 55 20.74 16.20 -5.20
N ILE E 56 20.86 16.09 -6.52
CA ILE E 56 20.31 14.91 -7.20
C ILE E 56 20.98 13.64 -6.69
N ILE E 57 22.30 13.66 -6.57
CA ILE E 57 23.03 12.47 -6.13
C ILE E 57 22.56 12.04 -4.75
N LEU E 58 22.51 12.98 -3.80
CA LEU E 58 22.12 12.62 -2.44
C LEU E 58 20.67 12.13 -2.40
N ALA E 59 19.77 12.82 -3.10
CA ALA E 59 18.36 12.44 -3.06
C ALA E 59 18.14 11.04 -3.59
N ILE E 60 18.81 10.70 -4.70
CA ILE E 60 18.68 9.34 -5.24
C ILE E 60 19.31 8.34 -4.29
N SER E 61 20.50 8.66 -3.78
CA SER E 61 21.26 7.65 -3.04
C SER E 61 20.60 7.27 -1.73
N SER E 62 20.24 8.26 -0.91
CA SER E 62 19.97 8.00 0.51
C SER E 62 18.75 8.77 1.01
N ASP E 63 17.64 8.72 0.27
CA ASP E 63 16.40 9.30 0.78
C ASP E 63 15.18 8.39 0.67
N SER E 64 15.02 7.66 -0.44
CA SER E 64 13.71 7.13 -0.80
C SER E 64 13.82 5.81 -1.56
N HIS E 65 12.68 5.34 -2.05
CA HIS E 65 12.53 4.08 -2.77
C HIS E 65 12.85 4.22 -4.25
N LEU E 66 13.59 5.26 -4.65
CA LEU E 66 13.88 5.47 -6.07
C LEU E 66 14.94 4.57 -6.69
N HIS E 67 15.31 3.49 -6.01
CA HIS E 67 16.35 2.57 -6.49
C HIS E 67 15.82 1.80 -7.68
N THR E 68 16.11 2.32 -8.88
CA THR E 68 15.70 1.73 -10.14
C THR E 68 16.85 1.88 -11.11
N PRO E 69 16.99 1.04 -12.15
CA PRO E 69 18.08 1.25 -13.11
C PRO E 69 18.08 2.63 -13.74
N MET E 70 16.89 3.18 -14.02
CA MET E 70 16.79 4.52 -14.61
C MET E 70 17.51 5.54 -13.72
N TYR E 71 17.22 5.52 -12.43
CA TYR E 71 17.86 6.47 -11.52
C TYR E 71 19.33 6.13 -11.29
N PHE E 72 19.71 4.87 -11.44
CA PHE E 72 21.13 4.51 -11.36
C PHE E 72 21.92 5.21 -12.46
N PHE E 73 21.46 5.08 -13.71
CA PHE E 73 22.12 5.79 -14.81
C PHE E 73 22.03 7.30 -14.62
N LEU E 74 20.91 7.78 -14.09
CA LEU E 74 20.71 9.22 -13.93
C LEU E 74 21.67 9.80 -12.90
N SER E 75 22.03 9.02 -11.88
CA SER E 75 23.01 9.47 -10.90
C SER E 75 24.43 9.42 -11.47
N ASN E 76 24.75 8.36 -12.22
CA ASN E 76 26.06 8.32 -12.87
C ASN E 76 26.25 9.52 -13.78
N LEU E 77 25.19 9.92 -14.49
CA LEU E 77 25.30 11.10 -15.36
C LEU E 77 25.60 12.36 -14.57
N SER E 78 24.98 12.54 -13.41
CA SER E 78 25.25 13.73 -12.59
C SER E 78 26.70 13.76 -12.13
N PHE E 79 27.22 12.62 -11.69
CA PHE E 79 28.63 12.59 -11.29
C PHE E 79 29.55 12.94 -12.46
N THR E 80 29.26 12.39 -13.64
CA THR E 80 30.08 12.70 -14.81
C THR E 80 30.03 14.19 -15.14
N ASP E 81 28.84 14.81 -15.02
CA ASP E 81 28.72 16.24 -15.30
C ASP E 81 29.55 17.06 -14.32
N ILE E 82 29.53 16.69 -13.04
CA ILE E 82 30.32 17.41 -12.04
C ILE E 82 31.79 17.38 -12.44
N CYS E 83 32.29 16.18 -12.75
CA CYS E 83 33.70 16.07 -13.13
C CYS E 83 34.01 16.86 -14.40
N PHE E 84 33.10 16.81 -15.37
CA PHE E 84 33.35 17.47 -16.65
C PHE E 84 33.47 18.98 -16.49
N SER E 85 32.59 19.58 -15.67
CA SER E 85 32.67 21.03 -15.48
C SER E 85 33.87 21.41 -14.60
N SER E 86 34.20 20.56 -13.63
CA SER E 86 35.29 20.86 -12.71
C SER E 86 36.64 20.78 -13.41
N VAL E 87 36.73 19.98 -14.48
CA VAL E 87 37.96 19.88 -15.24
C VAL E 87 38.35 21.25 -15.78
N THR E 88 37.37 21.98 -16.32
CA THR E 88 37.69 23.18 -17.09
C THR E 88 37.60 24.46 -16.25
N VAL E 89 36.46 24.70 -15.61
CA VAL E 89 36.14 26.07 -15.15
C VAL E 89 37.13 26.58 -14.10
N PRO E 90 37.43 25.85 -13.02
CA PRO E 90 38.24 26.44 -11.94
C PRO E 90 39.61 26.93 -12.37
N LYS E 91 40.26 26.23 -13.30
CA LYS E 91 41.58 26.64 -13.74
C LYS E 91 41.52 28.02 -14.39
N MET E 92 40.51 28.24 -15.24
CA MET E 92 40.33 29.56 -15.84
C MET E 92 40.05 30.60 -14.77
N LEU E 93 39.20 30.28 -13.79
CA LEU E 93 38.87 31.28 -12.78
C LEU E 93 40.10 31.68 -11.97
N VAL E 94 40.91 30.71 -11.57
CA VAL E 94 42.08 31.02 -10.75
C VAL E 94 43.12 31.78 -11.59
N ASN E 95 43.24 31.43 -12.88
CA ASN E 95 44.12 32.20 -13.75
C ASN E 95 43.66 33.65 -13.84
N ILE E 96 42.35 33.87 -13.99
CA ILE E 96 41.83 35.22 -14.15
C ILE E 96 42.07 36.03 -12.89
N GLN E 97 41.80 35.45 -11.72
CA GLN E 97 41.92 36.21 -10.47
C GLN E 97 43.34 36.27 -9.92
N THR E 98 44.26 35.45 -10.42
CA THR E 98 45.63 35.43 -9.93
C THR E 98 46.58 36.26 -10.80
N GLN E 99 46.08 36.92 -11.85
CA GLN E 99 46.90 37.72 -12.74
C GLN E 99 48.06 36.91 -13.31
N SER E 100 47.76 35.69 -13.71
CA SER E 100 48.73 34.80 -14.33
C SER E 100 48.06 34.04 -15.47
N LYS E 101 48.85 33.72 -16.49
CA LYS E 101 48.35 33.07 -17.70
C LYS E 101 49.31 31.98 -18.15
N SER E 102 49.84 31.22 -17.20
CA SER E 102 50.84 30.20 -17.46
C SER E 102 50.27 28.81 -17.18
N ILE E 103 50.46 27.91 -18.12
CA ILE E 103 50.12 26.50 -17.97
C ILE E 103 51.28 25.67 -18.51
N SER E 104 51.50 24.53 -17.87
CA SER E 104 52.66 23.69 -18.17
C SER E 104 52.34 22.68 -19.28
N TYR E 105 53.41 22.11 -19.84
CA TYR E 105 53.26 21.11 -20.90
C TYR E 105 52.52 19.87 -20.38
N ALA E 106 52.99 19.30 -19.28
CA ALA E 106 52.33 18.13 -18.70
C ALA E 106 50.92 18.49 -18.25
N GLY E 107 50.74 19.67 -17.66
CA GLY E 107 49.41 20.10 -17.28
C GLY E 107 48.47 20.21 -18.46
N CYS E 108 48.97 20.76 -19.58
CA CYS E 108 48.15 20.87 -20.77
C CYS E 108 47.71 19.50 -21.27
N LEU E 109 48.66 18.57 -21.37
CA LEU E 109 48.31 17.23 -21.86
C LEU E 109 47.34 16.54 -20.92
N THR E 110 47.55 16.66 -19.61
CA THR E 110 46.64 16.04 -18.65
C THR E 110 45.24 16.63 -18.75
N GLN E 111 45.14 17.95 -18.87
CA GLN E 111 43.83 18.59 -19.01
C GLN E 111 43.13 18.11 -20.26
N MET E 112 43.85 18.02 -21.38
CA MET E 112 43.22 17.53 -22.61
C MET E 112 42.75 16.09 -22.45
N TYR E 113 43.57 15.24 -21.82
CA TYR E 113 43.19 13.84 -21.62
C TYR E 113 41.90 13.73 -20.82
N PHE E 114 41.85 14.41 -19.66
CA PHE E 114 40.66 14.31 -18.82
C PHE E 114 39.44 14.90 -19.54
N PHE E 115 39.63 16.01 -20.25
CA PHE E 115 38.55 16.61 -21.03
C PHE E 115 37.95 15.60 -21.99
N ILE E 116 38.79 14.95 -22.80
CA ILE E 116 38.29 14.00 -23.79
C ILE E 116 37.59 12.84 -23.10
N ALA E 117 38.21 12.31 -22.02
CA ALA E 117 37.65 11.13 -21.37
C ALA E 117 36.26 11.39 -20.82
N PHE E 118 36.11 12.45 -20.02
CA PHE E 118 34.81 12.73 -19.43
C PHE E 118 33.79 13.14 -20.48
N GLY E 119 34.08 13.97 -21.44
CA GLY E 119 33.06 14.26 -22.43
C GLY E 119 32.50 12.99 -23.04
N ASN E 120 33.32 12.07 -23.51
CA ASN E 120 32.84 10.87 -24.21
C ASN E 120 32.07 10.00 -23.23
N LEU E 121 32.45 9.82 -22.00
CA LEU E 121 31.66 8.95 -21.15
C LEU E 121 30.30 9.61 -21.03
N ASP E 122 30.11 10.92 -20.92
CA ASP E 122 28.77 11.62 -20.88
C ASP E 122 28.01 11.51 -22.18
N SER E 123 28.64 11.46 -23.34
CA SER E 123 27.99 11.15 -24.63
C SER E 123 27.47 9.71 -24.68
N PHE E 124 28.13 8.71 -24.08
CA PHE E 124 27.71 7.27 -24.12
C PHE E 124 26.74 6.91 -23.01
N LEU E 125 26.65 7.57 -21.87
CA LEU E 125 25.62 7.36 -20.85
C LEU E 125 24.21 7.65 -21.41
N LEU E 126 24.08 8.68 -22.25
CA LEU E 126 22.79 8.98 -22.85
C LEU E 126 22.32 7.85 -23.75
N ALA E 127 23.23 7.26 -24.52
CA ALA E 127 22.86 6.14 -25.39
C ALA E 127 22.40 4.94 -24.57
N VAL E 128 23.03 4.69 -23.42
CA VAL E 128 22.57 3.61 -22.56
C VAL E 128 21.16 3.90 -22.04
N MET E 129 20.92 5.14 -21.61
CA MET E 129 19.61 5.50 -21.09
C MET E 129 18.52 5.36 -22.15
N ALA E 130 18.85 5.70 -23.40
CA ALA E 130 17.86 5.57 -24.47
C ALA E 130 17.44 4.13 -24.69
N TYR E 131 18.41 3.19 -24.68
CA TYR E 131 18.07 1.78 -24.78
C TYR E 131 17.23 1.32 -23.59
N ASP E 132 17.54 1.81 -22.40
CA ASP E 132 16.73 1.49 -21.24
C ASP E 132 15.28 1.91 -21.45
N ARG E 133 15.07 3.14 -21.92
CA ARG E 133 13.71 3.61 -22.18
C ARG E 133 13.01 2.75 -23.23
N TYR E 134 13.72 2.43 -24.31
CA TYR E 134 13.11 1.67 -25.40
C TYR E 134 12.66 0.30 -24.90
N VAL E 135 13.51 -0.39 -24.15
CA VAL E 135 13.12 -1.70 -23.63
C VAL E 135 11.97 -1.57 -22.64
N ALA E 136 12.00 -0.52 -21.81
CA ALA E 136 10.97 -0.38 -20.78
C ALA E 136 9.59 -0.11 -21.36
N ILE E 137 9.50 0.61 -22.48
CA ILE E 137 8.22 1.02 -23.05
C ILE E 137 7.74 0.04 -24.12
N CYS E 138 8.64 -0.42 -24.99
CA CYS E 138 8.23 -1.23 -26.12
C CYS E 138 8.28 -2.74 -25.87
N HIS E 139 8.84 -3.17 -24.74
CA HIS E 139 8.84 -4.59 -24.35
C HIS E 139 8.51 -4.69 -22.86
N PRO E 140 7.24 -4.48 -22.49
CA PRO E 140 6.93 -4.27 -21.07
C PRO E 140 7.07 -5.51 -20.21
N LEU E 141 6.64 -6.68 -20.68
CA LEU E 141 6.62 -7.86 -19.83
C LEU E 141 8.02 -8.44 -19.58
N HIS E 142 8.94 -8.26 -20.52
CA HIS E 142 10.30 -8.78 -20.39
C HIS E 142 11.30 -7.74 -19.87
N TYR E 143 10.84 -6.57 -19.44
CA TYR E 143 11.76 -5.56 -18.92
C TYR E 143 12.47 -6.06 -17.67
N THR E 144 11.74 -6.70 -16.75
CA THR E 144 12.37 -7.20 -15.53
C THR E 144 13.35 -8.33 -15.81
N THR E 145 13.08 -9.17 -16.82
CA THR E 145 13.97 -10.28 -17.13
C THR E 145 15.21 -9.80 -17.87
N ILE E 146 15.10 -8.76 -18.69
CA ILE E 146 16.24 -8.32 -19.49
C ILE E 146 17.21 -7.48 -18.66
N MET E 147 16.72 -6.43 -18.01
CA MET E 147 17.57 -5.47 -17.32
C MET E 147 17.88 -5.94 -15.90
N SER E 148 18.66 -7.02 -15.81
CA SER E 148 19.16 -7.51 -14.54
C SER E 148 20.36 -6.66 -14.13
N PRO E 149 20.72 -6.66 -12.84
CA PRO E 149 21.78 -5.73 -12.38
C PRO E 149 23.13 -5.91 -13.07
N ARG E 150 23.51 -7.15 -13.38
CA ARG E 150 24.83 -7.37 -13.98
C ARG E 150 24.92 -6.68 -15.33
N LEU E 151 23.82 -6.63 -16.07
CA LEU E 151 23.85 -5.96 -17.37
C LEU E 151 24.15 -4.48 -17.21
N CYS E 152 23.48 -3.81 -16.27
CA CYS E 152 23.74 -2.39 -16.06
C CYS E 152 25.20 -2.16 -15.65
N VAL E 153 25.69 -2.97 -14.72
CA VAL E 153 27.05 -2.78 -14.23
C VAL E 153 28.05 -2.98 -15.37
N LEU E 154 27.85 -4.02 -16.18
CA LEU E 154 28.76 -4.29 -17.29
C LEU E 154 28.72 -3.17 -18.32
N LEU E 155 27.53 -2.64 -18.62
CA LEU E 155 27.43 -1.56 -19.58
C LEU E 155 28.22 -0.35 -19.12
N VAL E 156 28.09 0.03 -17.85
CA VAL E 156 28.76 1.24 -17.38
C VAL E 156 30.28 0.99 -17.30
N ALA E 157 30.69 -0.23 -16.95
CA ALA E 157 32.10 -0.56 -16.92
C ALA E 157 32.73 -0.43 -18.30
N LEU E 158 32.10 -1.02 -19.32
CA LEU E 158 32.60 -0.83 -20.68
C LEU E 158 32.57 0.64 -21.08
N SER E 159 31.61 1.42 -20.55
CA SER E 159 31.59 2.85 -20.85
C SER E 159 32.87 3.53 -20.39
N TRP E 160 33.25 3.35 -19.11
CA TRP E 160 34.50 3.97 -18.67
C TRP E 160 35.68 3.44 -19.48
N VAL E 161 35.71 2.13 -19.72
CA VAL E 161 36.89 1.54 -20.35
C VAL E 161 37.10 2.12 -21.74
N LEU E 162 36.03 2.20 -22.54
CA LEU E 162 36.14 2.75 -23.88
C LEU E 162 36.51 4.23 -23.85
N SER E 163 35.91 5.00 -22.92
CA SER E 163 36.25 6.42 -22.84
C SER E 163 37.73 6.61 -22.55
N ASN E 164 38.27 5.85 -21.59
CA ASN E 164 39.67 6.02 -21.23
C ASN E 164 40.59 5.58 -22.35
N LEU E 165 40.27 4.49 -23.05
CA LEU E 165 41.10 4.07 -24.17
C LEU E 165 41.14 5.13 -25.26
N HIS E 166 39.98 5.71 -25.58
CA HIS E 166 39.91 6.75 -26.60
C HIS E 166 40.75 7.96 -26.20
N ALA E 167 40.62 8.39 -24.94
CA ALA E 167 41.40 9.55 -24.48
C ALA E 167 42.88 9.27 -24.56
N LEU E 168 43.31 8.08 -24.14
CA LEU E 168 44.74 7.75 -24.19
C LEU E 168 45.26 7.76 -25.62
N LEU E 169 44.49 7.20 -26.56
CA LEU E 169 44.92 7.20 -27.95
C LEU E 169 45.14 8.62 -28.45
N HIS E 170 44.15 9.49 -28.24
CA HIS E 170 44.30 10.88 -28.71
C HIS E 170 45.47 11.58 -28.04
N THR E 171 45.63 11.39 -26.72
CA THR E 171 46.70 12.06 -26.00
C THR E 171 48.07 11.62 -26.51
N LEU E 172 48.26 10.32 -26.75
CA LEU E 172 49.54 9.86 -27.27
C LEU E 172 49.81 10.41 -28.65
N LEU E 173 48.81 10.38 -29.54
CA LEU E 173 49.03 10.89 -30.90
C LEU E 173 49.35 12.38 -30.87
N MET E 174 48.78 13.11 -29.91
CA MET E 174 49.15 14.51 -29.75
C MET E 174 50.58 14.65 -29.22
N ALA E 175 50.95 13.80 -28.26
CA ALA E 175 52.28 13.88 -27.67
C ALA E 175 53.38 13.53 -28.66
N ARG E 176 53.05 12.86 -29.76
CA ARG E 176 54.07 12.58 -30.78
C ARG E 176 54.74 13.84 -31.31
N LEU E 177 54.05 14.97 -31.34
CA LEU E 177 54.55 16.19 -31.96
C LEU E 177 55.49 16.95 -31.02
N SER E 178 56.07 18.03 -31.56
CA SER E 178 56.97 18.92 -30.83
C SER E 178 56.68 20.36 -31.23
N PHE E 179 56.87 21.29 -30.29
CA PHE E 179 56.64 22.71 -30.52
C PHE E 179 57.96 23.44 -30.45
N CYS E 180 58.23 24.28 -31.45
CA CYS E 180 59.54 24.92 -31.59
C CYS E 180 59.55 26.37 -31.09
N ALA E 181 58.69 27.22 -31.65
CA ALA E 181 58.82 28.67 -31.47
C ALA E 181 57.71 29.30 -30.63
N SER E 182 56.46 29.14 -31.04
CA SER E 182 55.38 29.88 -30.40
C SER E 182 54.82 29.11 -29.20
N ASN E 183 54.32 29.86 -28.21
CA ASN E 183 53.76 29.27 -27.00
C ASN E 183 52.51 30.00 -26.51
N GLU E 184 51.82 30.74 -27.38
CA GLU E 184 50.60 31.44 -27.01
C GLU E 184 49.40 30.70 -27.58
N ILE E 185 48.47 30.33 -26.70
CA ILE E 185 47.25 29.63 -27.08
C ILE E 185 46.09 30.63 -27.01
N PRO E 186 45.46 31.03 -28.17
CA PRO E 186 44.32 31.94 -28.12
C PRO E 186 43.00 31.25 -27.78
N HIS E 187 42.97 30.58 -26.64
CA HIS E 187 41.79 29.86 -26.19
C HIS E 187 41.85 29.77 -24.68
N PHE E 188 40.69 29.57 -24.05
CA PHE E 188 40.61 29.64 -22.59
C PHE E 188 40.94 28.32 -21.90
N PHE E 189 41.29 27.28 -22.64
CA PHE E 189 41.83 26.05 -22.05
C PHE E 189 42.41 25.21 -23.17
N CYS E 190 43.23 24.24 -22.80
CA CYS E 190 43.93 23.41 -23.77
C CYS E 190 42.93 22.61 -24.59
N ASP E 191 43.04 22.70 -25.92
CA ASP E 191 42.15 21.99 -26.82
C ASP E 191 42.94 21.54 -28.05
N LEU E 192 42.37 20.56 -28.77
CA LEU E 192 43.12 19.90 -29.83
C LEU E 192 43.49 20.87 -30.95
N SER E 193 42.50 21.58 -31.49
CA SER E 193 42.71 22.39 -32.70
C SER E 193 43.69 23.55 -32.47
N PRO E 194 43.57 24.32 -31.37
CA PRO E 194 44.57 25.38 -31.14
C PRO E 194 46.00 24.86 -31.08
N LEU E 195 46.20 23.69 -30.47
CA LEU E 195 47.55 23.13 -30.38
C LEU E 195 48.02 22.61 -31.73
N LEU E 196 47.12 22.00 -32.51
CA LEU E 196 47.49 21.55 -33.84
C LEU E 196 47.89 22.71 -34.73
N LYS E 197 47.18 23.84 -34.64
CA LYS E 197 47.58 25.01 -35.41
C LYS E 197 48.95 25.52 -34.95
N LEU E 198 49.20 25.50 -33.64
CA LEU E 198 50.49 25.92 -33.10
C LEU E 198 51.60 24.91 -33.37
N SER E 199 51.27 23.71 -33.83
CA SER E 199 52.27 22.66 -34.01
C SER E 199 53.31 23.08 -35.04
N CYS E 200 54.53 22.63 -34.81
CA CYS E 200 55.68 23.00 -35.62
C CYS E 200 56.13 21.88 -36.55
N SER E 201 55.35 20.80 -36.66
CA SER E 201 55.69 19.64 -37.49
C SER E 201 54.46 19.17 -38.26
N ASP E 202 54.61 18.04 -38.95
CA ASP E 202 53.54 17.49 -39.76
C ASP E 202 52.46 16.88 -38.88
N THR E 203 51.20 16.93 -39.34
CA THR E 203 50.05 16.50 -38.56
C THR E 203 49.02 15.74 -39.39
N HIS E 204 49.44 15.01 -40.44
CA HIS E 204 48.48 14.27 -41.26
C HIS E 204 47.87 13.11 -40.48
N VAL E 205 48.69 12.41 -39.68
CA VAL E 205 48.20 11.25 -38.94
C VAL E 205 47.13 11.68 -37.95
N ASN E 206 47.36 12.80 -37.26
CA ASN E 206 46.38 13.30 -36.31
C ASN E 206 45.06 13.62 -37.00
N GLU E 207 45.13 14.26 -38.17
CA GLU E 207 43.92 14.61 -38.91
C GLU E 207 43.14 13.37 -39.33
N LEU E 208 43.84 12.38 -39.87
CA LEU E 208 43.17 11.15 -40.28
C LEU E 208 42.50 10.47 -39.09
N VAL E 209 43.23 10.36 -37.97
CA VAL E 209 42.69 9.67 -36.81
C VAL E 209 41.47 10.40 -36.26
N ILE E 210 41.56 11.74 -36.12
CA ILE E 210 40.43 12.48 -35.58
C ILE E 210 39.22 12.31 -36.49
N PHE E 211 39.41 12.50 -37.80
CA PHE E 211 38.30 12.33 -38.74
C PHE E 211 37.62 10.98 -38.54
N THR E 212 38.36 9.89 -38.77
CA THR E 212 37.73 8.57 -38.74
C THR E 212 37.13 8.26 -37.36
N GLU E 213 37.97 8.25 -36.33
CA GLU E 213 37.54 7.76 -35.03
C GLU E 213 36.48 8.67 -34.43
N GLY E 214 36.71 9.98 -34.44
CA GLY E 214 35.73 10.90 -33.90
C GLY E 214 34.42 10.84 -34.65
N LEU E 215 34.47 10.69 -35.97
CA LEU E 215 33.23 10.57 -36.74
C LEU E 215 32.42 9.38 -36.28
N LEU E 216 33.05 8.20 -36.18
CA LEU E 216 32.30 7.03 -35.73
C LEU E 216 31.74 7.24 -34.33
N VAL E 217 32.59 7.69 -33.39
CA VAL E 217 32.19 7.77 -31.99
C VAL E 217 31.07 8.78 -31.79
N ILE E 218 31.15 9.91 -32.49
CA ILE E 218 30.13 10.95 -32.34
C ILE E 218 28.84 10.52 -33.04
N VAL E 219 28.95 9.92 -34.23
CA VAL E 219 27.76 9.67 -35.03
C VAL E 219 26.91 8.56 -34.43
N THR E 220 27.53 7.49 -33.92
CA THR E 220 26.73 6.32 -33.54
C THR E 220 25.70 6.61 -32.45
N PRO E 221 26.06 7.20 -31.30
CA PRO E 221 25.05 7.45 -30.25
C PRO E 221 23.92 8.37 -30.71
N PHE E 222 24.22 9.33 -31.58
CA PHE E 222 23.20 10.26 -32.06
C PHE E 222 22.10 9.52 -32.80
N LEU E 223 22.49 8.65 -33.74
CA LEU E 223 21.50 7.86 -34.47
C LEU E 223 20.76 6.90 -33.55
N CYS E 224 21.46 6.30 -32.58
CA CYS E 224 20.78 5.41 -31.65
C CYS E 224 19.68 6.14 -30.89
N ILE E 225 20.00 7.33 -30.37
CA ILE E 225 19.01 8.09 -29.61
C ILE E 225 17.84 8.48 -30.50
N LEU E 226 18.13 8.91 -31.74
CA LEU E 226 17.05 9.30 -32.65
C LEU E 226 16.11 8.13 -32.92
N VAL E 227 16.67 6.95 -33.17
CA VAL E 227 15.82 5.78 -33.43
C VAL E 227 14.97 5.45 -32.22
N SER E 228 15.57 5.49 -31.02
CA SER E 228 14.82 5.19 -29.81
C SER E 228 13.64 6.14 -29.64
N TYR E 229 13.88 7.44 -29.86
CA TYR E 229 12.80 8.40 -29.69
C TYR E 229 11.73 8.23 -30.77
N VAL E 230 12.13 7.86 -31.99
CA VAL E 230 11.14 7.60 -33.03
C VAL E 230 10.19 6.49 -32.59
N ARG E 231 10.76 5.37 -32.12
CA ARG E 231 9.92 4.24 -31.70
C ARG E 231 9.03 4.63 -30.52
N ILE E 232 9.59 5.34 -29.54
CA ILE E 232 8.79 5.71 -28.37
C ILE E 232 7.63 6.60 -28.76
N VAL E 233 7.87 7.60 -29.62
CA VAL E 233 6.81 8.51 -30.00
C VAL E 233 5.75 7.78 -30.82
N SER E 234 6.15 6.87 -31.70
CA SER E 234 5.17 6.11 -32.46
C SER E 234 4.28 5.29 -31.54
N THR E 235 4.89 4.58 -30.58
CA THR E 235 4.10 3.77 -29.66
C THR E 235 3.17 4.63 -28.82
N VAL E 236 3.63 5.80 -28.37
CA VAL E 236 2.77 6.66 -27.56
C VAL E 236 1.62 7.20 -28.40
N LEU E 237 1.85 7.49 -29.68
CA LEU E 237 0.76 7.95 -30.54
C LEU E 237 -0.27 6.85 -30.74
N LYS E 238 0.18 5.59 -30.87
CA LYS E 238 -0.75 4.51 -31.18
C LYS E 238 -1.78 4.32 -30.08
N ILE E 239 -1.38 4.51 -28.83
CA ILE E 239 -2.27 4.30 -27.68
C ILE E 239 -3.46 5.25 -27.79
N PRO E 240 -4.71 4.79 -27.58
CA PRO E 240 -5.85 5.72 -27.68
C PRO E 240 -6.11 6.49 -26.38
N SER E 241 -5.09 7.16 -25.87
CA SER E 241 -5.28 8.01 -24.70
C SER E 241 -5.80 9.38 -25.13
N ALA E 242 -6.29 10.15 -24.14
CA ALA E 242 -6.93 11.42 -24.42
C ALA E 242 -6.15 12.62 -23.87
N LYS E 243 -5.21 12.41 -22.95
CA LYS E 243 -4.61 13.51 -22.21
C LYS E 243 -3.08 13.52 -22.26
N GLY E 244 -2.47 12.34 -22.35
CA GLY E 244 -1.03 12.23 -22.23
C GLY E 244 -0.24 12.67 -23.45
N LYS E 245 -0.93 13.02 -24.53
CA LYS E 245 -0.24 13.40 -25.76
C LYS E 245 0.61 14.66 -25.54
N TRP E 246 0.04 15.65 -24.85
CA TRP E 246 0.78 16.89 -24.63
C TRP E 246 2.01 16.66 -23.77
N LYS E 247 1.89 15.84 -22.72
CA LYS E 247 3.06 15.54 -21.89
C LYS E 247 4.13 14.79 -22.67
N ALA E 248 3.72 13.83 -23.49
CA ALA E 248 4.68 13.08 -24.29
C ALA E 248 5.43 14.01 -25.24
N PHE E 249 4.69 14.87 -25.95
CA PHE E 249 5.32 15.79 -26.88
C PHE E 249 6.26 16.76 -26.16
N SER E 250 5.84 17.27 -25.01
CA SER E 250 6.68 18.22 -24.28
C SER E 250 7.99 17.58 -23.84
N THR E 251 7.90 16.39 -23.22
CA THR E 251 9.11 15.72 -22.74
C THR E 251 10.04 15.39 -23.90
N CYS E 252 9.50 14.82 -24.98
CA CYS E 252 10.35 14.46 -26.11
C CYS E 252 10.98 15.70 -26.73
N GLY E 253 10.22 16.78 -26.86
CA GLY E 253 10.78 17.99 -27.45
C GLY E 253 11.91 18.57 -26.64
N SER E 254 11.72 18.66 -25.32
CA SER E 254 12.79 19.22 -24.48
C SER E 254 14.04 18.34 -24.53
N HIS E 255 13.87 17.02 -24.44
CA HIS E 255 15.02 16.13 -24.49
C HIS E 255 15.76 16.25 -25.81
N LEU E 256 15.01 16.28 -26.92
CA LEU E 256 15.65 16.35 -28.23
C LEU E 256 16.36 17.68 -28.43
N THR E 257 15.77 18.78 -27.94
CA THR E 257 16.44 20.08 -28.07
C THR E 257 17.76 20.09 -27.32
N VAL E 258 17.76 19.59 -26.08
CA VAL E 258 19.00 19.61 -25.30
C VAL E 258 20.05 18.72 -25.95
N VAL E 259 19.64 17.54 -26.44
CA VAL E 259 20.60 16.65 -27.08
C VAL E 259 21.16 17.27 -28.35
N SER E 260 20.29 17.87 -29.16
CA SER E 260 20.68 18.45 -30.44
C SER E 260 21.64 19.61 -30.29
N LEU E 261 21.45 20.49 -29.30
CA LEU E 261 22.41 21.57 -29.10
C LEU E 261 23.83 21.02 -28.93
N PHE E 262 23.99 20.09 -27.98
CA PHE E 262 25.28 19.48 -27.68
C PHE E 262 25.89 18.86 -28.93
N TYR E 263 25.18 17.90 -29.54
CA TYR E 263 25.78 17.16 -30.66
C TYR E 263 26.03 18.06 -31.87
N GLY E 264 25.09 18.95 -32.19
CA GLY E 264 25.27 19.82 -33.34
C GLY E 264 26.47 20.72 -33.19
N THR E 265 26.65 21.31 -32.00
CA THR E 265 27.81 22.20 -31.85
C THR E 265 29.12 21.42 -31.85
N ILE E 266 29.15 20.21 -31.28
CA ILE E 266 30.37 19.41 -31.35
C ILE E 266 30.73 19.12 -32.81
N ILE E 267 29.73 18.70 -33.60
CA ILE E 267 29.99 18.40 -35.00
C ILE E 267 30.41 19.65 -35.75
N GLY E 268 29.81 20.80 -35.43
CA GLY E 268 30.18 22.03 -36.12
C GLY E 268 31.60 22.47 -35.83
N VAL E 269 32.03 22.31 -34.58
CA VAL E 269 33.35 22.81 -34.18
C VAL E 269 34.46 21.87 -34.61
N TYR E 270 34.37 20.57 -34.27
CA TYR E 270 35.55 19.72 -34.36
C TYR E 270 35.75 19.09 -35.74
N PHE E 271 34.83 19.30 -36.69
CA PHE E 271 34.98 18.78 -38.04
C PHE E 271 35.30 19.87 -39.05
N GLN E 272 35.78 21.03 -38.58
CA GLN E 272 36.27 22.05 -39.49
C GLN E 272 37.63 21.63 -40.04
N PRO E 273 37.96 21.96 -41.29
CA PRO E 273 39.36 21.86 -41.73
C PRO E 273 40.23 22.82 -40.94
N LEU E 274 41.49 22.43 -40.75
CA LEU E 274 42.40 23.23 -39.92
C LEU E 274 42.63 24.62 -40.51
N SER E 275 42.43 24.78 -41.82
CA SER E 275 42.62 26.09 -42.43
C SER E 275 41.43 27.02 -42.19
N THR E 276 40.36 26.54 -41.56
CA THR E 276 39.13 27.30 -41.39
C THR E 276 38.87 27.71 -39.95
N TYR E 277 39.57 27.13 -38.98
CA TYR E 277 39.26 27.35 -37.57
C TYR E 277 39.41 28.83 -37.21
N SER E 278 38.50 29.33 -36.37
CA SER E 278 38.49 30.73 -35.96
C SER E 278 37.91 30.81 -34.55
N VAL E 279 37.55 32.02 -34.12
CA VAL E 279 37.14 32.25 -32.74
C VAL E 279 35.65 32.00 -32.51
N LYS E 280 34.82 32.04 -33.56
CA LYS E 280 33.43 31.64 -33.39
C LYS E 280 33.35 30.21 -32.89
N ASP E 281 34.31 29.36 -33.28
CA ASP E 281 34.37 28.01 -32.73
C ASP E 281 34.70 28.04 -31.25
N THR E 282 35.50 29.01 -30.80
CA THR E 282 35.74 29.17 -29.37
C THR E 282 34.44 29.56 -28.66
N VAL E 283 33.64 30.41 -29.29
CA VAL E 283 32.36 30.80 -28.70
C VAL E 283 31.45 29.59 -28.56
N ALA E 284 31.42 28.72 -29.57
CA ALA E 284 30.64 27.50 -29.47
C ALA E 284 31.20 26.55 -28.41
N THR E 285 32.53 26.52 -28.27
CA THR E 285 33.17 25.68 -27.26
C THR E 285 32.72 26.08 -25.87
N VAL E 286 32.79 27.38 -25.57
CA VAL E 286 32.33 27.87 -24.26
C VAL E 286 30.91 27.41 -24.01
N MET E 287 30.05 27.59 -25.02
CA MET E 287 28.64 27.30 -24.88
C MET E 287 28.48 25.83 -24.50
N TYR E 288 28.88 24.89 -25.35
CA TYR E 288 28.50 23.52 -25.04
C TYR E 288 29.19 23.06 -23.76
N THR E 289 30.51 23.28 -23.66
CA THR E 289 31.30 22.78 -22.53
C THR E 289 30.75 23.24 -21.19
N VAL E 290 30.37 24.51 -21.06
CA VAL E 290 29.97 25.01 -19.75
C VAL E 290 28.47 24.88 -19.56
N VAL E 291 27.68 25.25 -20.56
CA VAL E 291 26.22 25.31 -20.38
C VAL E 291 25.60 23.93 -20.29
N THR E 292 26.02 22.95 -21.11
CA THR E 292 25.27 21.69 -21.16
C THR E 292 25.23 20.97 -19.82
N PRO E 293 26.32 20.87 -19.04
CA PRO E 293 26.19 20.30 -17.69
C PRO E 293 25.26 21.09 -16.77
N MET E 294 25.04 22.37 -17.05
CA MET E 294 24.13 23.16 -16.20
C MET E 294 22.68 22.84 -16.51
N LEU E 295 22.36 22.58 -17.78
CA LEU E 295 20.98 22.30 -18.17
C LEU E 295 20.63 20.82 -18.04
N ASN E 296 21.62 19.93 -18.04
CA ASN E 296 21.36 18.51 -17.90
C ASN E 296 20.57 18.11 -16.66
N PRO E 297 20.88 18.62 -15.46
CA PRO E 297 20.20 18.11 -14.26
C PRO E 297 18.82 18.70 -13.97
N PHE E 298 18.39 19.71 -14.73
CA PHE E 298 17.02 20.23 -14.64
C PHE E 298 16.10 19.62 -15.70
N ILE E 299 16.64 19.31 -16.88
CA ILE E 299 15.81 18.78 -17.95
C ILE E 299 15.39 17.35 -17.64
N TYR E 300 16.31 16.54 -17.15
CA TYR E 300 16.09 15.10 -17.00
C TYR E 300 15.50 14.71 -15.65
N SER E 301 15.96 15.34 -14.56
CA SER E 301 15.76 14.79 -13.22
C SER E 301 14.85 15.65 -12.36
N LEU E 302 15.16 16.92 -12.15
CA LEU E 302 14.52 17.69 -11.08
C LEU E 302 13.06 18.02 -11.36
N ARG E 303 12.56 17.85 -12.57
CA ARG E 303 11.16 18.09 -12.86
C ARG E 303 10.27 16.88 -12.58
N ASN E 304 10.85 15.69 -12.35
CA ASN E 304 10.07 14.50 -12.12
C ASN E 304 9.33 14.61 -10.77
N LYS E 305 8.14 14.01 -10.74
CA LYS E 305 7.33 14.01 -9.53
C LYS E 305 7.91 13.14 -8.42
N ASP E 306 8.59 12.04 -8.77
CA ASP E 306 9.25 11.23 -7.75
C ASP E 306 10.35 12.04 -7.07
N MET E 307 11.14 12.78 -7.85
CA MET E 307 12.20 13.60 -7.26
C MET E 307 11.59 14.73 -6.43
N LYS E 308 10.50 15.34 -6.89
CA LYS E 308 9.88 16.41 -6.13
C LYS E 308 9.39 15.91 -4.78
N GLY E 309 8.83 14.69 -4.75
CA GLY E 309 8.39 14.11 -3.49
C GLY E 309 9.55 13.83 -2.56
N ALA E 310 10.64 13.28 -3.10
CA ALA E 310 11.79 12.96 -2.26
C ALA E 310 12.41 14.21 -1.65
N LEU E 311 12.57 15.27 -2.45
CA LEU E 311 13.12 16.50 -1.93
C LEU E 311 12.20 17.14 -0.89
N ARG E 312 10.90 17.11 -1.14
CA ARG E 312 9.95 17.70 -0.20
C ARG E 312 9.98 16.98 1.13
N LYS E 313 10.05 15.64 1.11
CA LYS E 313 10.15 14.88 2.36
C LYS E 313 11.43 15.23 3.11
N LEU E 314 12.54 15.34 2.38
CA LEU E 314 13.83 15.63 3.00
C LEU E 314 13.94 17.10 3.37
#